data_6JWR
#
_entry.id   6JWR
#
_cell.length_a   97.726
_cell.length_b   137.006
_cell.length_c   138.409
_cell.angle_alpha   90.000
_cell.angle_beta   90.000
_cell.angle_gamma   90.000
#
_symmetry.space_group_name_H-M   'P 21 21 21'
#
loop_
_entity.id
_entity.type
_entity.pdbx_description
1 polymer '7,8-dihydro-6-hydroxymethylpterin pyrophosphokinase-dihydropteroate synthase'
2 non-polymer 'PTEROIC ACID'
3 non-polymer 'ADENOSINE MONOPHOSPHATE'
4 non-polymer 'MAGNESIUM ION'
5 non-polymer 2-AMINO-6-HYDROXYMETHYL-7,8-DIHYDRO-3H-PTERIDIN-4-ONE
6 non-polymer 'CALCIUM ION'
7 non-polymer 'ACETATE ION'
8 water water
#
_entity_poly.entity_id   1
_entity_poly.type   'polypeptide(L)'
_entity_poly.pdbx_seq_one_letter_code
;METIQELILSEENKTNIAVLNLGTNDRRNAVLILETALHLVEKYLGKIINTSYLYETVPEYIVLDKKESCEKINKDCRIY
DVNYINELMQNLEESKYEENKELIDKCEEYETFLKNGKVDNSILKEVNVENYLLECNNIIVKNDEIMKNNLSKYKDKYYT
SYFYNLTVVVKTFVNDPLSMLVVIKYIEELMKRENVKEKEKFENRIIDIDILFFNDFTIFMKNIKLEKNMIYKILSKYIH
LERDIKNGNDNMSKVNMDKDINLNNNNNIKKKNNNDIDCDCVDQKMNNHVNNKNYINSFRDPQEIINNMVDNIEFLSIPH
VYTTHRYSILLCLNDMIPEYKHNVLNNTIRCLYNKYVSRMKEQYNINIKENNKRIYVLKDRISYLKEKTNIVGILNVNYD
SFSDGGIFVEPKRAVQRMFEMINEGASVIDIGGESSAPFVIPNPKISERDLVVPVLQLFQKEWNDIKNKIVKCDAKPIIS
IDTINYNVFKECVDNDLVDILNDISACTNNPEIIKLLKKKNKFYSVVLMHKRGNPHTMDKLTNYDNLVYDIKNYLEQRLN
FLVLNGIPRYRILFDIGLGFAKKHDQSIKLLQNIHVYDEYPLFIGYSRKRFIAHCMNDQNVVINTQQKLHDEQQNENKNI
VDKSHNWMFQMNYMRKDKDQLLYQKNICGGLAIASYSYYKKVDLIRVHDVLETKSVLDVLTKIDQVKDPNSSSVDKLAAA
LEHHHHHH
;
_entity_poly.pdbx_strand_id   A,B
#
# COMPACT_ATOMS: atom_id res chain seq x y z
N ILE A 4 15.19 -33.12 54.57
CA ILE A 4 15.49 -32.63 53.19
C ILE A 4 15.28 -33.72 52.13
N GLN A 5 15.86 -34.90 52.36
CA GLN A 5 15.64 -36.09 51.52
C GLN A 5 14.17 -36.51 51.48
N GLU A 6 13.44 -36.22 52.56
CA GLU A 6 12.00 -36.52 52.67
C GLU A 6 11.16 -35.71 51.69
N LEU A 7 11.57 -34.47 51.38
CA LEU A 7 10.77 -33.61 50.49
C LEU A 7 11.41 -33.14 49.18
N ILE A 8 12.61 -32.58 49.23
CA ILE A 8 13.30 -32.16 47.99
C ILE A 8 13.67 -33.34 47.08
N LEU A 9 14.00 -34.48 47.70
CA LEU A 9 14.38 -35.70 46.97
C LEU A 9 13.44 -36.90 47.23
N SER A 10 12.18 -36.59 47.58
CA SER A 10 11.13 -37.61 47.85
C SER A 10 10.90 -38.53 46.66
N GLU A 11 10.55 -39.78 46.96
CA GLU A 11 10.39 -40.86 45.97
C GLU A 11 9.37 -40.56 44.87
N GLU A 12 8.17 -40.10 45.28
CA GLU A 12 7.01 -39.94 44.39
C GLU A 12 7.15 -38.85 43.31
N ASN A 13 6.78 -39.23 42.08
CA ASN A 13 6.90 -38.37 40.89
C ASN A 13 5.68 -37.48 40.67
N LYS A 14 5.96 -36.19 40.61
CA LYS A 14 4.95 -35.15 40.44
C LYS A 14 4.85 -34.80 38.97
N THR A 15 3.77 -34.11 38.59
CA THR A 15 3.70 -33.43 37.31
C THR A 15 3.37 -31.97 37.58
N ASN A 16 4.37 -31.10 37.51
CA ASN A 16 4.16 -29.67 37.70
C ASN A 16 4.23 -28.87 36.38
N ILE A 17 3.73 -27.64 36.41
CA ILE A 17 3.82 -26.74 35.27
C ILE A 17 4.83 -25.64 35.59
N ALA A 18 5.85 -25.50 34.74
CA ALA A 18 6.75 -24.36 34.89
C ALA A 18 6.80 -23.52 33.62
N VAL A 19 7.03 -22.23 33.82
CA VAL A 19 7.09 -21.25 32.76
C VAL A 19 8.49 -20.67 32.87
N LEU A 20 9.27 -20.79 31.80
CA LEU A 20 10.67 -20.43 31.80
C LEU A 20 10.93 -19.25 30.87
N ASN A 21 11.90 -18.40 31.22
CA ASN A 21 12.32 -17.33 30.33
C ASN A 21 13.73 -17.60 29.86
N LEU A 22 14.00 -17.42 28.56
CA LEU A 22 15.33 -17.71 27.99
C LEU A 22 15.89 -16.48 27.33
N GLY A 23 17.15 -16.19 27.63
CA GLY A 23 17.86 -15.09 26.99
C GLY A 23 19.25 -15.42 26.49
N THR A 24 19.63 -14.70 25.44
CA THR A 24 21.00 -14.67 24.94
C THR A 24 21.29 -13.29 24.37
N ASN A 25 22.58 -12.94 24.33
CA ASN A 25 23.04 -11.69 23.72
C ASN A 25 23.68 -11.87 22.33
N ASP A 26 23.85 -13.13 21.90
CA ASP A 26 24.49 -13.44 20.62
C ASP A 26 23.52 -13.47 19.43
N ARG A 27 23.61 -12.46 18.57
CA ARG A 27 22.72 -12.31 17.43
C ARG A 27 22.90 -13.40 16.40
N ARG A 28 24.13 -13.61 15.95
CA ARG A 28 24.43 -14.56 14.87
C ARG A 28 24.18 -16.03 15.26
N ASN A 29 24.25 -16.33 16.55
CA ASN A 29 24.07 -17.71 17.03
C ASN A 29 22.78 -17.93 17.87
N ALA A 30 21.95 -16.88 18.01
CA ALA A 30 20.74 -16.89 18.85
C ALA A 30 19.91 -18.16 18.75
N VAL A 31 19.56 -18.55 17.53
CA VAL A 31 18.83 -19.77 17.26
C VAL A 31 19.53 -20.97 17.89
N LEU A 32 20.81 -21.16 17.59
CA LEU A 32 21.57 -22.31 18.07
C LEU A 32 21.70 -22.37 19.60
N ILE A 33 21.89 -21.20 20.21
CA ILE A 33 22.01 -21.06 21.66
C ILE A 33 20.67 -21.44 22.27
N LEU A 34 19.60 -20.81 21.76
CA LEU A 34 18.28 -20.94 22.36
C LEU A 34 17.67 -22.32 22.12
N GLU A 35 17.89 -22.85 20.91
CA GLU A 35 17.36 -24.17 20.57
C GLU A 35 18.11 -25.30 21.29
N THR A 36 19.40 -25.05 21.55
CA THR A 36 20.20 -25.92 22.42
C THR A 36 19.63 -25.91 23.85
N ALA A 37 19.29 -24.72 24.36
CA ALA A 37 18.64 -24.59 25.67
C ALA A 37 17.33 -25.38 25.69
N LEU A 38 16.54 -25.24 24.63
CA LEU A 38 15.29 -25.97 24.47
C LEU A 38 15.48 -27.47 24.51
N HIS A 39 16.51 -27.97 23.83
CA HIS A 39 16.78 -29.40 23.87
C HIS A 39 17.13 -29.87 25.27
N LEU A 40 17.99 -29.12 25.96
CA LEU A 40 18.38 -29.48 27.32
C LEU A 40 17.21 -29.41 28.30
N VAL A 41 16.35 -28.42 28.12
CA VAL A 41 15.10 -28.30 28.85
C VAL A 41 14.26 -29.56 28.60
N GLU A 42 14.07 -29.90 27.30
CA GLU A 42 13.25 -31.04 26.88
C GLU A 42 13.86 -32.32 27.42
N LYS A 43 15.19 -32.35 27.50
CA LYS A 43 15.96 -33.48 28.01
C LYS A 43 15.98 -33.62 29.54
N TYR A 44 16.28 -32.53 30.25
CA TYR A 44 16.50 -32.57 31.73
C TYR A 44 15.34 -32.13 32.63
N LEU A 45 14.32 -31.47 32.08
CA LEU A 45 13.26 -30.88 32.91
C LEU A 45 11.88 -31.50 32.74
N GLY A 46 11.54 -31.88 31.52
CA GLY A 46 10.22 -32.46 31.23
C GLY A 46 9.85 -32.24 29.79
N LYS A 47 8.59 -31.89 29.55
CA LYS A 47 8.04 -31.78 28.21
C LYS A 47 7.69 -30.33 27.87
N ILE A 48 8.26 -29.80 26.78
CA ILE A 48 7.91 -28.46 26.31
C ILE A 48 6.49 -28.50 25.70
N ILE A 49 5.56 -27.72 26.28
CA ILE A 49 4.15 -27.73 25.82
C ILE A 49 3.67 -26.38 25.33
N ASN A 50 4.57 -25.39 25.33
CA ASN A 50 4.29 -24.08 24.75
C ASN A 50 5.59 -23.29 24.60
N THR A 51 5.61 -22.45 23.57
CA THR A 51 6.70 -21.53 23.35
C THR A 51 6.14 -20.20 22.90
N SER A 52 6.89 -19.13 23.08
CA SER A 52 6.48 -17.85 22.54
C SER A 52 7.21 -17.68 21.25
N TYR A 53 7.03 -16.54 20.60
CA TYR A 53 7.94 -16.16 19.52
C TYR A 53 9.32 -15.86 20.09
N LEU A 54 10.30 -15.86 19.21
CA LEU A 54 11.60 -15.34 19.49
C LEU A 54 11.54 -13.82 19.31
N TYR A 55 12.07 -13.05 20.25
CA TYR A 55 12.18 -11.56 20.10
C TYR A 55 13.59 -10.97 20.25
N GLU A 56 13.87 -9.98 19.39
CA GLU A 56 14.97 -9.03 19.60
C GLU A 56 14.48 -7.92 20.52
N THR A 57 15.02 -7.85 21.73
CA THR A 57 14.53 -6.89 22.73
C THR A 57 15.58 -5.92 23.23
N VAL A 58 15.16 -4.66 23.32
CA VAL A 58 15.91 -3.55 23.96
C VAL A 58 16.19 -3.90 25.42
N PRO A 59 17.44 -3.76 25.89
CA PRO A 59 17.82 -4.04 27.30
C PRO A 59 16.97 -3.31 28.33
N GLU A 60 16.63 -4.04 29.38
CA GLU A 60 15.85 -3.47 30.47
C GLU A 60 16.61 -3.66 31.78
N TYR A 61 17.66 -2.86 31.91
CA TYR A 61 18.52 -2.79 33.10
C TYR A 61 17.87 -2.05 34.28
N ILE A 62 17.34 -0.85 34.02
CA ILE A 62 16.63 -0.04 35.04
C ILE A 62 15.11 -0.15 34.84
N VAL A 63 14.40 -0.50 35.92
CA VAL A 63 12.94 -0.59 35.87
C VAL A 63 12.31 0.79 35.87
N LEU A 64 12.59 1.58 36.91
CA LEU A 64 11.97 2.91 37.08
C LEU A 64 12.76 4.05 36.38
N ASP A 65 12.87 3.92 35.04
CA ASP A 65 13.50 4.92 34.16
C ASP A 65 12.53 6.09 33.89
N ASP A 81 31.13 -17.09 19.78
CA ASP A 81 30.99 -17.22 18.33
C ASP A 81 31.40 -18.63 17.84
N VAL A 82 31.59 -19.55 18.80
CA VAL A 82 32.23 -20.85 18.53
C VAL A 82 31.29 -22.06 18.66
N ASN A 83 31.74 -23.19 18.10
CA ASN A 83 30.98 -24.44 18.00
C ASN A 83 31.46 -25.52 18.98
N TYR A 84 31.55 -25.13 20.25
CA TYR A 84 31.75 -26.08 21.34
C TYR A 84 30.40 -26.64 21.82
N ILE A 85 29.32 -25.93 21.46
CA ILE A 85 27.93 -26.38 21.67
C ILE A 85 27.67 -27.74 20.98
N ASN A 86 28.19 -27.88 19.76
CA ASN A 86 28.05 -29.08 18.95
C ASN A 86 28.88 -30.22 19.51
N GLU A 87 29.94 -29.85 20.22
CA GLU A 87 30.80 -30.79 20.94
C GLU A 87 30.16 -31.22 22.26
N LEU A 88 29.44 -30.30 22.91
CA LEU A 88 28.62 -30.59 24.09
C LEU A 88 27.51 -31.56 23.75
N MET A 89 26.91 -31.35 22.58
CA MET A 89 25.77 -32.13 22.11
C MET A 89 26.04 -33.59 21.74
N GLN A 90 27.29 -34.01 21.91
CA GLN A 90 27.70 -35.39 21.66
C GLN A 90 28.27 -35.98 22.94
N ASN A 91 28.21 -35.20 24.03
CA ASN A 91 28.81 -35.53 25.32
C ASN A 91 27.90 -35.22 26.53
N LEU A 92 26.64 -35.63 26.45
CA LEU A 92 25.67 -35.32 27.49
C LEU A 92 25.38 -36.53 28.35
N GLU A 93 25.17 -36.28 29.64
CA GLU A 93 24.70 -37.33 30.53
C GLU A 93 23.24 -37.60 30.25
N GLU A 94 22.84 -38.86 30.41
CA GLU A 94 21.46 -39.28 30.21
C GLU A 94 20.60 -38.79 31.35
N SER A 95 19.39 -38.35 30.99
CA SER A 95 18.37 -38.04 31.97
C SER A 95 17.91 -39.33 32.59
N LYS A 96 17.62 -39.29 33.89
CA LYS A 96 17.00 -40.40 34.60
C LYS A 96 15.52 -40.51 34.28
N TYR A 97 15.03 -39.61 33.43
CA TYR A 97 13.61 -39.57 33.03
C TYR A 97 13.45 -39.73 31.52
N GLU A 98 12.39 -40.39 31.13
CA GLU A 98 12.31 -40.84 29.76
C GLU A 98 11.64 -39.82 28.88
N GLU A 99 12.10 -39.71 27.66
CA GLU A 99 11.42 -38.86 26.70
C GLU A 99 10.28 -39.64 26.07
N ASN A 100 9.13 -38.98 25.89
CA ASN A 100 8.06 -39.59 25.15
C ASN A 100 7.68 -38.64 24.03
N LYS A 101 7.88 -39.08 22.79
CA LYS A 101 7.60 -38.26 21.64
C LYS A 101 6.17 -38.45 21.10
N GLU A 102 5.40 -39.38 21.65
CA GLU A 102 3.98 -39.56 21.26
C GLU A 102 3.24 -38.25 21.26
N LEU A 103 2.41 -38.09 20.25
CA LEU A 103 1.56 -36.94 20.16
C LEU A 103 0.52 -36.97 21.27
N ILE A 104 0.31 -35.80 21.86
CA ILE A 104 -0.75 -35.57 22.83
C ILE A 104 -1.76 -34.54 22.29
N ASP A 105 -3.02 -34.65 22.76
CA ASP A 105 -4.15 -33.81 22.31
C ASP A 105 -4.50 -32.74 23.31
N LYS A 106 -4.21 -33.00 24.57
CA LYS A 106 -4.52 -32.12 25.65
C LYS A 106 -3.50 -32.34 26.76
N CYS A 107 -3.52 -31.47 27.78
CA CYS A 107 -2.68 -31.64 28.95
C CYS A 107 -3.42 -31.16 30.18
N GLU A 108 -3.83 -32.11 31.02
CA GLU A 108 -4.63 -31.84 32.22
C GLU A 108 -3.99 -30.83 33.17
N GLU A 109 -2.74 -31.09 33.52
CA GLU A 109 -2.00 -30.26 34.46
C GLU A 109 -1.85 -28.82 33.95
N TYR A 110 -1.74 -28.69 32.63
CA TYR A 110 -1.68 -27.39 31.96
C TYR A 110 -3.01 -26.66 31.99
N GLU A 111 -4.10 -27.38 31.79
CA GLU A 111 -5.42 -26.78 31.85
C GLU A 111 -5.67 -26.24 33.27
N THR A 112 -5.21 -27.00 34.27
CA THR A 112 -5.35 -26.65 35.66
C THR A 112 -4.52 -25.44 35.99
N PHE A 113 -3.30 -25.37 35.41
CA PHE A 113 -2.43 -24.21 35.55
C PHE A 113 -3.11 -22.93 35.09
N LEU A 114 -3.71 -22.97 33.90
CA LEU A 114 -4.32 -21.80 33.28
C LEU A 114 -5.59 -21.32 34.01
N LYS A 115 -6.50 -22.24 34.33
CA LYS A 115 -7.71 -21.95 35.13
C LYS A 115 -7.35 -21.50 36.55
N ASN A 116 -6.09 -21.75 36.93
CA ASN A 116 -5.51 -21.43 38.23
C ASN A 116 -5.92 -22.39 39.33
N GLY A 117 -6.62 -23.46 38.94
CA GLY A 117 -7.19 -24.48 39.82
C GLY A 117 -6.22 -25.25 40.71
N LYS A 118 -6.81 -26.20 41.46
CA LYS A 118 -6.15 -26.85 42.60
C LYS A 118 -5.09 -27.87 42.24
N VAL A 119 -3.83 -27.52 42.52
CA VAL A 119 -2.68 -28.44 42.42
C VAL A 119 -2.20 -28.84 43.83
N ASP A 120 -1.21 -29.74 43.89
CA ASP A 120 -0.52 -30.11 45.15
C ASP A 120 -0.06 -28.89 45.93
N ASN A 121 0.05 -29.04 47.25
CA ASN A 121 0.74 -28.05 48.09
C ASN A 121 2.23 -28.01 47.76
N SER A 122 2.78 -26.80 47.85
CA SER A 122 4.18 -26.51 47.64
C SER A 122 5.04 -27.15 48.74
N ILE A 123 6.09 -27.87 48.34
CA ILE A 123 7.05 -28.39 49.33
C ILE A 123 7.91 -27.25 49.90
N LEU A 124 8.12 -26.21 49.11
CA LEU A 124 8.78 -25.00 49.55
C LEU A 124 7.76 -24.05 50.19
N LYS A 125 8.17 -23.47 51.32
CA LYS A 125 7.36 -22.52 52.08
C LYS A 125 7.01 -21.32 51.22
N GLU A 126 5.71 -21.02 51.21
CA GLU A 126 5.18 -19.85 50.51
C GLU A 126 5.10 -18.60 51.39
N VAL A 127 4.91 -17.45 50.75
CA VAL A 127 4.67 -16.18 51.39
C VAL A 127 3.32 -15.63 50.91
N ASN A 128 2.72 -14.68 51.62
CA ASN A 128 1.49 -14.06 51.12
C ASN A 128 1.80 -12.93 50.12
N VAL A 129 0.75 -12.38 49.51
CA VAL A 129 0.84 -11.31 48.53
C VAL A 129 1.60 -10.11 49.09
N GLU A 130 1.23 -9.68 50.30
CA GLU A 130 1.80 -8.49 50.96
C GLU A 130 3.31 -8.66 51.05
N ASN A 131 3.72 -9.78 51.65
CA ASN A 131 5.13 -10.07 51.86
C ASN A 131 5.88 -10.31 50.58
N TYR A 132 5.23 -10.94 49.59
CA TYR A 132 5.80 -11.03 48.24
C TYR A 132 6.08 -9.65 47.71
N LEU A 133 5.06 -8.78 47.75
CA LEU A 133 5.19 -7.46 47.16
C LEU A 133 6.24 -6.63 47.84
N LEU A 134 6.30 -6.65 49.18
CA LEU A 134 7.41 -5.97 49.89
C LEU A 134 8.79 -6.49 49.49
N GLU A 135 8.94 -7.82 49.41
CA GLU A 135 10.22 -8.44 49.07
C GLU A 135 10.62 -8.29 47.60
N CYS A 136 9.67 -8.49 46.67
CA CYS A 136 9.91 -8.26 45.24
C CYS A 136 10.33 -6.79 45.07
N ASN A 137 9.50 -5.90 45.61
CA ASN A 137 9.74 -4.45 45.56
C ASN A 137 11.13 -4.03 46.05
N ASN A 138 11.55 -4.62 47.17
CA ASN A 138 12.86 -4.35 47.76
C ASN A 138 13.98 -4.65 46.78
N ILE A 139 13.98 -5.85 46.21
CA ILE A 139 14.99 -6.30 45.22
C ILE A 139 15.16 -5.33 44.06
N ILE A 140 14.04 -4.75 43.62
CA ILE A 140 14.02 -3.84 42.46
C ILE A 140 14.76 -2.54 42.77
N VAL A 141 14.45 -1.88 43.90
CA VAL A 141 15.08 -0.59 44.26
C VAL A 141 16.60 -0.75 44.44
N LYS A 142 17.00 -1.77 45.18
CA LYS A 142 18.42 -2.14 45.32
C LYS A 142 19.06 -2.26 43.95
N ASN A 143 18.47 -3.09 43.09
CA ASN A 143 18.96 -3.34 41.73
C ASN A 143 18.97 -2.11 40.81
N ASP A 144 17.94 -1.26 40.92
CA ASP A 144 17.83 -0.02 40.15
C ASP A 144 18.99 0.93 40.43
N GLU A 145 19.24 1.20 41.72
CA GLU A 145 20.36 2.04 42.16
C GLU A 145 21.75 1.46 41.84
N ILE A 146 21.88 0.12 41.93
CA ILE A 146 23.12 -0.59 41.51
C ILE A 146 23.41 -0.33 40.02
N MET A 147 22.37 -0.47 39.18
CA MET A 147 22.50 -0.27 37.73
C MET A 147 22.57 1.21 37.35
N LYS A 148 22.09 2.08 38.24
CA LYS A 148 22.23 3.54 38.08
C LYS A 148 23.70 3.94 38.10
N ASN A 149 24.43 3.46 39.10
CA ASN A 149 25.84 3.85 39.33
C ASN A 149 26.81 3.38 38.23
N ASN A 150 26.52 2.22 37.65
CA ASN A 150 27.33 1.66 36.56
C ASN A 150 26.48 1.34 35.33
N THR A 160 24.10 -2.10 25.81
CA THR A 160 25.08 -2.09 24.71
C THR A 160 24.72 -3.00 23.52
N SER A 161 24.20 -4.20 23.83
CA SER A 161 23.81 -5.22 22.84
C SER A 161 22.34 -5.61 23.04
N TYR A 162 21.66 -6.00 21.95
CA TYR A 162 20.28 -6.51 22.02
C TYR A 162 20.16 -7.87 22.71
N PHE A 163 19.03 -8.08 23.38
CA PHE A 163 18.69 -9.40 23.91
C PHE A 163 17.82 -10.20 22.94
N TYR A 164 18.02 -11.52 22.94
CA TYR A 164 17.16 -12.43 22.17
C TYR A 164 16.43 -13.35 23.11
N ASN A 165 15.12 -13.12 23.23
CA ASN A 165 14.29 -13.73 24.28
C ASN A 165 13.23 -14.70 23.81
N LEU A 166 12.90 -15.65 24.68
CA LEU A 166 12.00 -16.75 24.38
C LEU A 166 11.45 -17.27 25.69
N THR A 167 10.14 -17.51 25.75
CA THR A 167 9.57 -18.21 26.87
C THR A 167 9.04 -19.58 26.46
N VAL A 168 8.91 -20.45 27.46
CA VAL A 168 8.62 -21.86 27.28
C VAL A 168 7.74 -22.30 28.45
N VAL A 169 6.67 -23.05 28.19
CA VAL A 169 5.99 -23.77 29.26
C VAL A 169 6.46 -25.22 29.24
N VAL A 170 6.97 -25.68 30.39
CA VAL A 170 7.42 -27.06 30.52
C VAL A 170 6.49 -27.80 31.46
N LYS A 171 6.01 -28.95 31.03
CA LYS A 171 5.35 -29.90 31.94
C LYS A 171 6.47 -30.72 32.61
N THR A 172 6.75 -30.41 33.86
CA THR A 172 7.97 -30.88 34.53
C THR A 172 7.77 -31.97 35.57
N PHE A 173 8.77 -32.85 35.63
CA PHE A 173 8.89 -33.93 36.62
C PHE A 173 9.79 -33.51 37.78
N VAL A 174 10.32 -32.29 37.74
CA VAL A 174 11.14 -31.77 38.83
C VAL A 174 10.21 -31.39 39.97
N ASN A 175 10.63 -31.76 41.18
CA ASN A 175 9.81 -31.70 42.39
C ASN A 175 9.35 -30.32 42.75
N ASP A 176 10.23 -29.33 42.59
CA ASP A 176 10.02 -28.00 43.16
C ASP A 176 10.86 -26.97 42.39
N PRO A 177 10.52 -25.67 42.54
CA PRO A 177 11.26 -24.62 41.86
C PRO A 177 12.75 -24.51 42.21
N LEU A 178 13.13 -24.86 43.45
CA LEU A 178 14.53 -24.71 43.82
C LEU A 178 15.38 -25.74 43.10
N SER A 179 14.89 -26.98 43.10
CA SER A 179 15.51 -28.10 42.42
C SER A 179 15.61 -27.83 40.94
N MET A 180 14.55 -27.23 40.38
CA MET A 180 14.55 -26.82 38.99
C MET A 180 15.63 -25.77 38.73
N LEU A 181 15.75 -24.77 39.59
CA LEU A 181 16.80 -23.77 39.43
C LEU A 181 18.21 -24.40 39.45
N VAL A 182 18.40 -25.43 40.26
CA VAL A 182 19.67 -26.16 40.32
C VAL A 182 19.99 -26.80 38.95
N VAL A 183 19.03 -27.57 38.44
CA VAL A 183 19.13 -28.22 37.12
C VAL A 183 19.34 -27.18 36.03
N ILE A 184 18.63 -26.06 36.14
CA ILE A 184 18.77 -24.95 35.19
C ILE A 184 20.20 -24.38 35.19
N LYS A 185 20.79 -24.25 36.39
CA LYS A 185 22.17 -23.73 36.55
C LYS A 185 23.19 -24.67 35.94
N TYR A 186 22.93 -25.97 36.05
CA TYR A 186 23.75 -27.00 35.43
C TYR A 186 23.74 -26.83 33.91
N ILE A 187 22.54 -26.68 33.36
CA ILE A 187 22.30 -26.46 31.92
C ILE A 187 23.09 -25.24 31.42
N GLU A 188 23.19 -24.21 32.26
CA GLU A 188 23.91 -22.98 31.91
C GLU A 188 25.43 -23.16 31.87
N GLU A 189 25.97 -23.90 32.85
CA GLU A 189 27.39 -24.17 32.95
C GLU A 189 27.83 -25.12 31.84
N LEU A 190 26.99 -26.11 31.56
CA LEU A 190 27.22 -27.04 30.46
C LEU A 190 27.39 -26.31 29.13
N MET A 191 26.52 -25.32 28.90
CA MET A 191 26.58 -24.47 27.71
C MET A 191 27.65 -23.38 27.83
N LYS A 192 28.29 -23.32 29.01
CA LYS A 192 29.31 -22.33 29.40
C LYS A 192 28.80 -20.88 29.37
N ILE A 206 25.69 -15.32 27.52
CA ILE A 206 25.51 -16.32 26.45
C ILE A 206 24.19 -17.07 26.57
N ILE A 207 23.85 -17.50 27.78
CA ILE A 207 22.55 -18.03 28.07
C ILE A 207 22.12 -17.64 29.47
N ASP A 208 20.87 -17.21 29.60
CA ASP A 208 20.26 -16.94 30.89
C ASP A 208 18.84 -17.54 30.98
N ILE A 209 18.60 -18.38 31.99
CA ILE A 209 17.32 -19.09 32.11
C ILE A 209 16.70 -18.82 33.47
N ASP A 210 15.51 -18.21 33.45
CA ASP A 210 14.77 -17.83 34.65
C ASP A 210 13.52 -18.65 34.77
N ILE A 211 13.15 -19.00 36.00
CA ILE A 211 11.82 -19.54 36.26
C ILE A 211 10.87 -18.37 36.51
N LEU A 212 9.86 -18.23 35.67
CA LEU A 212 8.83 -17.19 35.85
C LEU A 212 7.71 -17.63 36.78
N PHE A 213 7.15 -18.82 36.57
CA PHE A 213 6.11 -19.38 37.45
C PHE A 213 6.39 -20.84 37.68
N PHE A 214 5.85 -21.37 38.77
CA PHE A 214 5.87 -22.78 39.07
C PHE A 214 4.55 -23.06 39.79
N ASN A 215 3.61 -23.69 39.09
CA ASN A 215 2.26 -23.88 39.60
C ASN A 215 1.66 -22.54 40.05
N ASP A 216 0.86 -22.51 41.11
CA ASP A 216 0.28 -21.25 41.60
C ASP A 216 1.05 -20.67 42.79
N PHE A 217 2.32 -21.08 42.93
CA PHE A 217 3.11 -20.77 44.11
C PHE A 217 3.55 -19.32 44.20
N THR A 218 3.46 -18.76 45.41
CA THR A 218 4.14 -17.51 45.71
C THR A 218 5.28 -17.84 46.65
N ILE A 219 6.51 -17.59 46.22
CA ILE A 219 7.70 -18.00 46.98
C ILE A 219 8.76 -16.89 47.00
N PHE A 220 9.15 -16.48 48.20
CA PHE A 220 10.33 -15.61 48.39
C PHE A 220 11.25 -16.16 49.49
N MET A 221 12.42 -16.62 49.08
CA MET A 221 13.36 -17.26 49.99
C MET A 221 14.69 -16.56 49.87
N LYS A 222 15.08 -15.86 50.93
CA LYS A 222 16.11 -14.81 50.87
C LYS A 222 17.59 -15.22 50.90
N ASN A 223 17.96 -16.17 51.75
CA ASN A 223 19.38 -16.50 51.94
C ASN A 223 19.67 -17.97 51.75
N ILE A 224 19.49 -18.45 50.52
CA ILE A 224 19.68 -19.85 50.21
C ILE A 224 21.16 -20.19 50.36
N LYS A 225 21.41 -21.16 51.23
CA LYS A 225 22.73 -21.73 51.45
C LYS A 225 22.61 -23.19 51.05
N LEU A 226 23.09 -23.50 49.86
CA LEU A 226 23.01 -24.87 49.36
C LEU A 226 24.36 -25.57 49.39
N GLU A 227 24.39 -26.68 50.14
CA GLU A 227 25.56 -27.55 50.30
C GLU A 227 26.10 -28.09 48.97
N LYS A 228 27.43 -28.16 48.85
CA LYS A 228 28.13 -28.69 47.65
C LYS A 228 27.69 -30.11 47.27
N ASN A 229 27.25 -30.90 48.26
CA ASN A 229 26.76 -32.25 48.00
C ASN A 229 25.22 -32.34 47.99
N MET A 230 24.54 -31.25 48.37
CA MET A 230 23.10 -31.12 48.18
C MET A 230 22.78 -30.95 46.70
N ILE A 231 23.45 -29.98 46.07
CA ILE A 231 23.45 -29.78 44.64
C ILE A 231 23.68 -31.09 43.88
N TYR A 232 24.70 -31.86 44.29
CA TYR A 232 24.95 -33.17 43.70
C TYR A 232 23.75 -34.09 43.92
N LYS A 233 23.20 -34.12 45.13
CA LYS A 233 22.09 -35.00 45.44
C LYS A 233 20.88 -34.70 44.56
N ILE A 234 20.64 -33.40 44.33
CA ILE A 234 19.55 -32.89 43.48
C ILE A 234 19.77 -33.27 42.01
N LEU A 235 20.94 -32.93 41.48
CA LEU A 235 21.30 -33.28 40.10
C LEU A 235 21.26 -34.77 39.82
N SER A 236 21.68 -35.59 40.78
CA SER A 236 21.71 -37.07 40.64
C SER A 236 20.33 -37.69 40.56
N LYS A 237 19.35 -37.02 41.18
CA LYS A 237 17.94 -37.45 41.09
C LYS A 237 17.44 -37.45 39.64
N TYR A 238 17.91 -36.48 38.86
CA TYR A 238 17.40 -36.21 37.54
C TYR A 238 18.38 -36.61 36.44
N ILE A 239 19.66 -36.69 36.77
CA ILE A 239 20.71 -36.99 35.78
C ILE A 239 21.61 -38.15 36.23
N HIS A 240 21.96 -39.05 35.28
CA HIS A 240 23.02 -40.07 35.46
C HIS A 240 24.35 -39.37 35.30
N LEU A 241 24.97 -38.94 36.39
CA LEU A 241 26.19 -38.11 36.30
C LEU A 241 27.45 -38.92 36.04
N GLU A 242 28.38 -38.33 35.28
CA GLU A 242 29.64 -39.01 34.87
C GLU A 242 30.61 -39.20 36.03
N ILE A 305 32.30 -27.78 37.99
CA ILE A 305 31.00 -27.23 37.58
C ILE A 305 30.08 -26.98 38.81
N ILE A 306 29.90 -28.03 39.62
CA ILE A 306 29.15 -27.98 40.89
C ILE A 306 29.67 -26.85 41.83
N ASN A 307 30.99 -26.67 41.89
CA ASN A 307 31.64 -25.60 42.67
C ASN A 307 31.13 -24.19 42.32
N ASN A 308 30.96 -23.92 41.02
CA ASN A 308 30.44 -22.63 40.52
C ASN A 308 29.04 -22.30 41.05
N MET A 309 28.17 -23.32 41.04
CA MET A 309 26.75 -23.18 41.33
C MET A 309 26.42 -22.76 42.76
N VAL A 310 27.25 -23.21 43.71
CA VAL A 310 27.05 -23.03 45.17
C VAL A 310 26.71 -21.59 45.58
N ASP A 311 27.43 -20.63 45.01
CA ASP A 311 27.21 -19.20 45.27
C ASP A 311 26.20 -18.56 44.32
N ASN A 312 25.99 -19.21 43.18
CA ASN A 312 25.12 -18.69 42.11
C ASN A 312 23.62 -18.65 42.45
N ILE A 313 23.19 -19.42 43.46
CA ILE A 313 21.81 -19.38 43.94
C ILE A 313 21.79 -18.73 45.33
N GLU A 314 21.38 -17.47 45.38
CA GLU A 314 21.38 -16.70 46.62
C GLU A 314 19.96 -16.50 47.15
N PHE A 315 19.01 -16.38 46.22
CA PHE A 315 17.58 -16.29 46.56
C PHE A 315 16.69 -16.98 45.52
N LEU A 316 15.43 -17.20 45.89
CA LEU A 316 14.41 -17.70 44.96
C LEU A 316 13.11 -16.90 45.06
N SER A 317 12.74 -16.27 43.95
CA SER A 317 11.44 -15.61 43.84
C SER A 317 10.54 -16.28 42.80
N ILE A 318 9.33 -16.65 43.21
CA ILE A 318 8.28 -17.14 42.29
C ILE A 318 6.99 -16.34 42.56
N PRO A 319 6.49 -15.53 41.61
CA PRO A 319 7.04 -15.34 40.27
C PRO A 319 8.32 -14.57 40.31
N HIS A 320 9.08 -14.67 39.24
CA HIS A 320 10.32 -13.94 39.08
C HIS A 320 10.07 -12.44 39.37
N VAL A 321 11.10 -11.79 39.92
CA VAL A 321 11.03 -10.39 40.35
C VAL A 321 10.51 -9.50 39.22
N TYR A 322 11.12 -9.68 38.04
CA TYR A 322 10.96 -8.79 36.89
C TYR A 322 9.79 -9.08 35.91
N THR A 323 8.96 -10.08 36.25
CA THR A 323 7.83 -10.56 35.45
C THR A 323 6.93 -9.43 34.94
N THR A 324 6.51 -8.56 35.85
CA THR A 324 5.65 -7.42 35.56
C THR A 324 6.45 -6.17 35.16
N HIS A 325 7.76 -6.23 35.32
CA HIS A 325 8.61 -5.05 35.14
C HIS A 325 9.45 -5.04 33.86
N ARG A 326 9.54 -6.20 33.19
CA ARG A 326 10.18 -6.25 31.88
C ARG A 326 9.18 -6.44 30.76
N TYR A 327 9.23 -5.53 29.78
CA TYR A 327 8.36 -5.59 28.63
C TYR A 327 8.59 -6.91 27.90
N SER A 328 9.87 -7.23 27.72
CA SER A 328 10.35 -8.39 27.00
C SER A 328 9.78 -9.69 27.59
N ILE A 329 9.55 -9.72 28.91
CA ILE A 329 8.94 -10.89 29.52
C ILE A 329 7.45 -10.94 29.17
N LEU A 330 6.76 -9.81 29.42
CA LEU A 330 5.33 -9.69 29.16
C LEU A 330 5.02 -10.00 27.69
N LEU A 331 5.85 -9.44 26.79
CA LEU A 331 5.82 -9.72 25.35
C LEU A 331 5.80 -11.22 25.03
N CYS A 332 6.77 -11.96 25.56
CA CYS A 332 6.80 -13.41 25.39
C CYS A 332 5.60 -14.14 26.02
N LEU A 333 5.20 -13.77 27.23
CA LEU A 333 4.07 -14.43 27.90
C LEU A 333 2.74 -14.23 27.21
N ASN A 334 2.59 -13.09 26.54
CA ASN A 334 1.36 -12.72 25.86
C ASN A 334 1.07 -13.69 24.71
N ASP A 335 2.13 -14.20 24.10
CA ASP A 335 2.03 -15.23 23.09
C ASP A 335 1.46 -16.55 23.63
N MET A 336 1.82 -16.92 24.85
CA MET A 336 1.58 -18.27 25.32
C MET A 336 0.36 -18.31 26.18
N ILE A 337 0.37 -17.51 27.24
CA ILE A 337 -0.62 -17.62 28.31
C ILE A 337 -1.33 -16.28 28.56
N PRO A 338 -2.01 -15.71 27.53
CA PRO A 338 -2.56 -14.36 27.70
C PRO A 338 -3.62 -14.19 28.80
N GLU A 339 -4.36 -15.26 29.11
CA GLU A 339 -5.51 -15.23 30.02
C GLU A 339 -5.12 -15.53 31.46
N TYR A 340 -3.86 -15.91 31.66
CA TYR A 340 -3.38 -16.34 32.96
C TYR A 340 -3.37 -15.22 33.99
N LYS A 341 -3.94 -15.48 35.18
CA LYS A 341 -3.79 -14.58 36.34
C LYS A 341 -3.27 -15.24 37.62
N HIS A 342 -1.96 -15.11 37.84
CA HIS A 342 -1.32 -15.49 39.10
C HIS A 342 -1.84 -14.55 40.22
N ASN A 343 -1.96 -15.08 41.45
CA ASN A 343 -2.47 -14.31 42.62
C ASN A 343 -1.74 -13.00 42.86
N VAL A 344 -0.46 -12.97 42.52
CA VAL A 344 0.39 -11.84 42.86
C VAL A 344 0.37 -10.78 41.76
N LEU A 345 -0.47 -10.99 40.74
CA LEU A 345 -0.61 -10.07 39.59
C LEU A 345 -1.93 -9.31 39.63
N ASN A 346 -1.88 -8.04 39.23
CA ASN A 346 -3.06 -7.16 39.21
C ASN A 346 -4.08 -7.56 38.12
N ASN A 347 -3.59 -8.11 37.01
CA ASN A 347 -4.47 -8.56 35.93
C ASN A 347 -3.91 -9.75 35.17
N THR A 348 -4.65 -10.22 34.17
CA THR A 348 -4.20 -11.24 33.21
C THR A 348 -2.93 -10.76 32.51
N ILE A 349 -2.17 -11.68 31.90
CA ILE A 349 -0.97 -11.28 31.17
C ILE A 349 -1.29 -10.32 30.03
N ARG A 350 -2.36 -10.60 29.30
CA ARG A 350 -2.75 -9.74 28.18
C ARG A 350 -3.02 -8.31 28.61
N CYS A 351 -3.78 -8.12 29.70
CA CYS A 351 -4.06 -6.77 30.22
C CYS A 351 -2.78 -6.08 30.68
N LEU A 352 -1.93 -6.79 31.42
CA LEU A 352 -0.61 -6.29 31.80
C LEU A 352 0.23 -5.90 30.58
N TYR A 353 0.29 -6.76 29.57
CA TYR A 353 0.97 -6.41 28.32
C TYR A 353 0.37 -5.13 27.68
N ASN A 354 -0.96 -5.06 27.64
CA ASN A 354 -1.67 -3.97 26.99
C ASN A 354 -1.49 -2.61 27.68
N LYS A 355 -1.63 -2.57 29.01
CA LYS A 355 -1.37 -1.37 29.78
C LYS A 355 0.05 -0.90 29.51
N TYR A 356 1.00 -1.82 29.50
CA TYR A 356 2.40 -1.47 29.29
C TYR A 356 2.68 -0.84 27.94
N VAL A 357 1.99 -1.32 26.90
CA VAL A 357 2.11 -0.75 25.56
C VAL A 357 1.55 0.68 25.56
N SER A 358 0.34 0.82 26.09
CA SER A 358 -0.36 2.11 26.08
C SER A 358 0.26 3.14 27.04
N ARG A 359 0.82 2.68 28.17
CA ARG A 359 1.59 3.55 29.09
C ARG A 359 2.76 4.21 28.36
N MET A 360 3.58 3.43 27.66
CA MET A 360 4.73 3.96 26.92
C MET A 360 4.31 4.95 25.83
N LYS A 361 3.04 4.89 25.42
CA LYS A 361 2.50 5.73 24.36
C LYS A 361 1.83 6.98 24.93
N GLU A 362 1.06 6.81 26.02
CA GLU A 362 0.26 7.87 26.63
C GLU A 362 1.02 8.79 27.59
N GLN A 363 2.16 8.34 28.09
CA GLN A 363 2.96 9.12 29.05
C GLN A 363 4.44 9.29 28.68
N TYR A 364 4.87 8.67 27.58
CA TYR A 364 6.27 8.74 27.12
C TYR A 364 6.41 8.92 25.60
N ASN A 365 5.29 8.77 24.88
CA ASN A 365 5.22 8.78 23.40
C ASN A 365 6.31 7.95 22.67
N ILE A 366 6.54 6.74 23.18
CA ILE A 366 7.61 5.85 22.72
C ILE A 366 7.22 4.97 21.51
N ASN A 367 6.03 4.34 21.57
CA ASN A 367 5.64 3.23 20.67
C ASN A 367 6.63 2.04 20.84
N ILE A 368 6.35 1.17 21.82
CA ILE A 368 7.33 0.20 22.31
C ILE A 368 7.58 -1.01 21.38
N LYS A 369 6.66 -1.26 20.46
CA LYS A 369 6.80 -2.39 19.55
C LYS A 369 7.93 -2.24 18.52
N GLU A 370 8.20 -1.00 18.13
CA GLU A 370 9.12 -0.62 17.05
C GLU A 370 10.53 -1.24 17.16
N ASN A 371 11.05 -1.33 18.37
CA ASN A 371 12.40 -1.88 18.61
C ASN A 371 12.41 -3.19 19.42
N ASN A 372 11.23 -3.77 19.63
CA ASN A 372 11.12 -5.12 20.17
C ASN A 372 10.47 -6.02 19.13
N LYS A 373 11.32 -6.49 18.22
CA LYS A 373 10.89 -7.18 17.02
C LYS A 373 10.61 -8.66 17.21
N ARG A 374 9.53 -9.11 16.59
CA ARG A 374 9.17 -10.52 16.54
C ARG A 374 9.97 -11.19 15.45
N ILE A 375 10.51 -12.37 15.79
CA ILE A 375 11.32 -13.18 14.90
C ILE A 375 10.62 -14.50 14.51
N TYR A 376 10.75 -14.87 13.24
CA TYR A 376 10.53 -16.25 12.81
C TYR A 376 11.84 -16.84 12.25
N VAL A 377 11.86 -18.17 12.08
CA VAL A 377 13.07 -18.88 11.72
C VAL A 377 12.76 -19.87 10.62
N LEU A 378 13.40 -19.67 9.49
CA LEU A 378 13.21 -20.54 8.34
C LEU A 378 14.13 -21.75 8.37
N LYS A 379 15.36 -21.54 8.82
CA LYS A 379 16.35 -22.60 8.85
C LYS A 379 17.15 -22.43 10.11
N ASP A 380 18.06 -21.47 10.13
CA ASP A 380 18.95 -21.29 11.30
C ASP A 380 19.29 -19.85 11.62
N ARG A 381 18.89 -18.94 10.75
CA ARG A 381 19.08 -17.52 10.99
C ARG A 381 17.77 -16.88 11.48
N ILE A 382 17.93 -15.69 12.03
CA ILE A 382 16.84 -14.82 12.46
C ILE A 382 16.24 -14.17 11.21
N SER A 383 14.91 -14.11 11.18
CA SER A 383 14.19 -13.27 10.26
C SER A 383 13.29 -12.38 11.10
N TYR A 384 13.27 -11.08 10.79
CA TYR A 384 12.36 -10.20 11.46
C TYR A 384 10.99 -10.30 10.79
N LEU A 385 9.97 -10.57 11.59
CA LEU A 385 8.61 -10.66 11.07
C LEU A 385 8.19 -9.37 10.40
N LYS A 386 7.72 -9.47 9.17
CA LYS A 386 7.15 -8.34 8.39
C LYS A 386 8.19 -7.43 7.69
N GLU A 387 9.46 -7.84 7.71
CA GLU A 387 10.56 -7.03 7.14
C GLU A 387 11.03 -7.42 5.73
N LYS A 388 10.69 -8.61 5.26
CA LYS A 388 11.03 -8.99 3.90
C LYS A 388 10.01 -9.95 3.33
N THR A 389 9.67 -9.73 2.07
CA THR A 389 8.91 -10.64 1.27
C THR A 389 9.87 -11.55 0.50
N ASN A 390 10.06 -12.76 1.03
CA ASN A 390 10.95 -13.75 0.44
C ASN A 390 10.27 -14.46 -0.69
N ILE A 391 11.00 -14.65 -1.76
CA ILE A 391 10.54 -15.49 -2.86
C ILE A 391 10.86 -16.96 -2.56
N VAL A 392 9.86 -17.80 -2.75
CA VAL A 392 10.01 -19.25 -2.70
C VAL A 392 9.82 -19.76 -4.14
N GLY A 393 10.90 -20.31 -4.69
CA GLY A 393 10.84 -20.85 -6.05
C GLY A 393 10.21 -22.23 -6.07
N ILE A 394 9.27 -22.45 -7.01
CA ILE A 394 8.60 -23.73 -7.13
C ILE A 394 9.42 -24.68 -8.00
N LEU A 395 9.73 -25.84 -7.45
CA LEU A 395 10.23 -26.95 -8.26
C LEU A 395 9.25 -28.11 -8.23
N ASN A 396 8.47 -28.14 -9.30
CA ASN A 396 7.50 -29.17 -9.62
C ASN A 396 8.25 -30.29 -10.30
N VAL A 397 8.27 -31.45 -9.69
CA VAL A 397 8.91 -32.59 -10.32
C VAL A 397 7.84 -33.64 -10.73
N ASN A 398 7.16 -33.35 -11.85
CA ASN A 398 6.26 -34.24 -12.64
C ASN A 398 5.45 -33.38 -13.64
N ILE A 407 4.55 -35.97 -17.77
CA ILE A 407 5.94 -35.79 -18.18
C ILE A 407 6.92 -35.89 -16.98
N PHE A 408 7.93 -36.76 -17.08
CA PHE A 408 8.94 -37.00 -16.02
C PHE A 408 10.12 -36.01 -16.11
N VAL A 409 10.47 -35.39 -14.99
CA VAL A 409 11.58 -34.42 -14.91
C VAL A 409 12.85 -35.09 -14.37
N GLU A 410 13.89 -35.12 -15.21
CA GLU A 410 15.17 -35.79 -14.95
C GLU A 410 15.92 -35.08 -13.83
N PRO A 411 16.64 -35.83 -12.96
CA PRO A 411 17.38 -35.18 -11.87
C PRO A 411 18.30 -34.04 -12.29
N LYS A 412 19.05 -34.23 -13.38
CA LYS A 412 20.08 -33.26 -13.80
C LYS A 412 19.47 -31.93 -14.24
N ARG A 413 18.40 -32.02 -15.04
CA ARG A 413 17.62 -30.88 -15.49
C ARG A 413 16.95 -30.16 -14.30
N ALA A 414 16.37 -30.93 -13.38
CA ALA A 414 15.72 -30.38 -12.19
C ALA A 414 16.70 -29.57 -11.34
N VAL A 415 17.92 -30.09 -11.16
CA VAL A 415 18.97 -29.38 -10.39
C VAL A 415 19.50 -28.16 -11.16
N GLN A 416 19.45 -28.24 -12.48
CA GLN A 416 19.77 -27.12 -13.34
C GLN A 416 18.79 -26.02 -12.96
N ARG A 417 17.50 -26.35 -13.04
CA ARG A 417 16.39 -25.46 -12.71
C ARG A 417 16.52 -24.87 -11.32
N MET A 418 17.06 -25.65 -10.37
CA MET A 418 17.25 -25.14 -9.01
C MET A 418 18.27 -24.03 -9.02
N PHE A 419 19.43 -24.31 -9.59
CA PHE A 419 20.51 -23.31 -9.77
C PHE A 419 20.06 -22.05 -10.51
N GLU A 420 19.32 -22.23 -11.60
CA GLU A 420 18.78 -21.11 -12.31
C GLU A 420 18.01 -20.23 -11.32
N MET A 421 17.10 -20.83 -10.53
CA MET A 421 16.24 -20.12 -9.56
C MET A 421 17.01 -19.37 -8.47
N ILE A 422 18.10 -19.98 -7.96
CA ILE A 422 18.96 -19.32 -6.95
C ILE A 422 19.50 -18.01 -7.51
N ASN A 423 20.03 -18.10 -8.73
CA ASN A 423 20.55 -16.97 -9.48
C ASN A 423 19.47 -15.96 -9.88
N GLU A 424 18.25 -16.45 -10.11
CA GLU A 424 17.15 -15.55 -10.42
C GLU A 424 16.69 -14.80 -9.17
N GLY A 425 17.16 -15.24 -8.01
CA GLY A 425 16.90 -14.54 -6.75
C GLY A 425 15.97 -15.20 -5.74
N ALA A 426 15.68 -16.50 -5.91
CA ALA A 426 14.90 -17.24 -4.93
C ALA A 426 15.70 -17.52 -3.65
N SER A 427 15.11 -17.25 -2.50
CA SER A 427 15.72 -17.50 -1.19
C SER A 427 15.42 -18.92 -0.63
N VAL A 428 14.38 -19.53 -1.18
CA VAL A 428 13.83 -20.82 -0.74
C VAL A 428 13.39 -21.50 -2.03
N ILE A 429 13.70 -22.78 -2.12
CA ILE A 429 13.19 -23.66 -3.18
C ILE A 429 12.18 -24.59 -2.51
N ASP A 430 10.95 -24.62 -3.04
CA ASP A 430 9.93 -25.58 -2.60
C ASP A 430 9.91 -26.72 -3.61
N ILE A 431 10.34 -27.91 -3.18
CA ILE A 431 10.35 -29.07 -4.10
C ILE A 431 9.19 -30.01 -3.80
N GLY A 432 8.50 -30.42 -4.86
CA GLY A 432 7.37 -31.33 -4.76
C GLY A 432 7.30 -32.37 -5.86
N GLY A 433 6.97 -33.60 -5.47
CA GLY A 433 6.78 -34.69 -6.41
C GLY A 433 5.36 -35.21 -6.47
N GLU A 434 4.43 -34.53 -5.81
CA GLU A 434 3.01 -34.95 -5.79
C GLU A 434 2.11 -33.73 -5.99
N SER A 435 1.50 -33.65 -7.16
CA SER A 435 0.70 -32.50 -7.57
C SER A 435 -0.59 -32.37 -6.77
N SER A 436 -0.91 -31.13 -6.40
CA SER A 436 -2.13 -30.77 -5.65
C SER A 436 -3.06 -29.96 -6.57
N ALA A 437 -2.60 -29.71 -7.80
CA ALA A 437 -3.35 -28.91 -8.77
C ALA A 437 -4.77 -29.48 -9.03
N PRO A 438 -5.76 -28.62 -9.37
CA PRO A 438 -7.12 -29.16 -9.47
C PRO A 438 -7.23 -30.30 -10.50
N PHE A 439 -7.91 -31.37 -10.10
CA PHE A 439 -8.30 -32.48 -10.99
C PHE A 439 -7.19 -33.36 -11.58
N VAL A 440 -5.95 -33.26 -11.06
CA VAL A 440 -4.87 -34.15 -11.52
C VAL A 440 -4.91 -35.52 -10.83
N ILE A 441 -4.26 -36.49 -11.47
CA ILE A 441 -3.88 -37.77 -10.85
C ILE A 441 -2.41 -38.00 -11.23
N PRO A 442 -1.56 -38.46 -10.28
CA PRO A 442 -0.14 -38.71 -10.59
C PRO A 442 0.13 -39.86 -11.58
N ASN A 443 1.31 -39.83 -12.20
CA ASN A 443 1.86 -40.95 -12.93
C ASN A 443 2.10 -42.10 -11.95
N PRO A 444 1.38 -43.24 -12.12
CA PRO A 444 1.51 -44.34 -11.15
C PRO A 444 2.85 -45.08 -11.25
N LYS A 445 3.48 -44.99 -12.42
CA LYS A 445 4.75 -45.66 -12.72
C LYS A 445 5.94 -45.24 -11.85
N ILE A 446 5.84 -44.09 -11.17
CA ILE A 446 6.97 -43.52 -10.43
C ILE A 446 6.54 -42.86 -9.10
N SER A 447 7.13 -43.32 -8.00
CA SER A 447 6.73 -42.86 -6.65
C SER A 447 7.18 -41.40 -6.35
N GLU A 448 6.42 -40.74 -5.45
CA GLU A 448 6.80 -39.44 -4.90
C GLU A 448 8.27 -39.42 -4.49
N ARG A 449 8.73 -40.43 -3.75
CA ARG A 449 10.12 -40.42 -3.33
C ARG A 449 11.11 -40.55 -4.49
N ASP A 450 10.75 -41.36 -5.50
CA ASP A 450 11.62 -41.56 -6.66
C ASP A 450 11.80 -40.29 -7.50
N LEU A 451 10.72 -39.53 -7.68
CA LEU A 451 10.79 -38.22 -8.30
C LEU A 451 11.61 -37.23 -7.47
N VAL A 452 11.38 -37.21 -6.15
CA VAL A 452 11.86 -36.13 -5.30
C VAL A 452 13.28 -36.30 -4.73
N VAL A 453 13.50 -37.43 -4.05
CA VAL A 453 14.79 -37.68 -3.35
C VAL A 453 16.03 -37.59 -4.26
N PRO A 454 16.06 -38.30 -5.41
CA PRO A 454 17.26 -38.18 -6.28
C PRO A 454 17.67 -36.74 -6.58
N VAL A 455 16.71 -35.92 -7.02
CA VAL A 455 16.92 -34.50 -7.26
C VAL A 455 17.53 -33.80 -6.05
N LEU A 456 17.07 -34.11 -4.85
CA LEU A 456 17.63 -33.47 -3.66
C LEU A 456 19.01 -34.01 -3.32
N GLN A 457 19.25 -35.27 -3.68
CA GLN A 457 20.58 -35.85 -3.50
C GLN A 457 21.56 -35.21 -4.47
N LEU A 458 21.15 -35.10 -5.72
CA LEU A 458 21.98 -34.50 -6.76
C LEU A 458 22.31 -33.02 -6.50
N PHE A 459 21.30 -32.24 -6.07
CA PHE A 459 21.52 -30.86 -5.61
C PHE A 459 22.54 -30.75 -4.47
N GLN A 460 22.48 -31.65 -3.49
CA GLN A 460 23.43 -31.63 -2.37
C GLN A 460 24.88 -31.89 -2.82
N LYS A 461 25.06 -32.80 -3.79
CA LYS A 461 26.37 -33.11 -4.38
C LYS A 461 26.88 -31.92 -5.21
N GLU A 462 26.01 -31.43 -6.10
CA GLU A 462 26.31 -30.33 -7.00
C GLU A 462 26.57 -29.00 -6.27
N TRP A 463 25.94 -28.79 -5.11
CA TRP A 463 26.22 -27.61 -4.25
C TRP A 463 27.55 -27.74 -3.50
N ASN A 464 27.83 -28.93 -2.99
CA ASN A 464 29.02 -29.18 -2.16
C ASN A 464 30.35 -29.11 -2.93
N ASP A 465 30.27 -29.16 -4.26
CA ASP A 465 31.43 -28.97 -5.14
C ASP A 465 31.97 -27.53 -5.13
N ILE A 466 31.06 -26.55 -5.09
CA ILE A 466 31.38 -25.09 -5.13
C ILE A 466 32.51 -24.62 -4.19
N ALA A 475 25.15 -18.17 0.95
CA ALA A 475 24.40 -18.09 -0.32
C ALA A 475 23.49 -19.31 -0.59
N LYS A 476 23.58 -20.33 0.29
CA LYS A 476 22.83 -21.61 0.11
C LYS A 476 21.33 -21.47 0.34
N PRO A 477 20.52 -21.73 -0.71
CA PRO A 477 19.06 -21.65 -0.56
C PRO A 477 18.55 -22.58 0.54
N ILE A 478 17.51 -22.10 1.22
CA ILE A 478 16.69 -22.90 2.11
C ILE A 478 15.87 -23.86 1.22
N ILE A 479 15.78 -25.12 1.63
CA ILE A 479 14.97 -26.13 0.90
C ILE A 479 13.72 -26.55 1.67
N SER A 480 12.61 -26.35 0.99
CA SER A 480 11.31 -26.78 1.46
C SER A 480 10.84 -27.98 0.64
N ILE A 481 10.37 -29.02 1.32
CA ILE A 481 9.67 -30.11 0.64
C ILE A 481 8.13 -30.11 0.82
N ASP A 482 7.45 -29.91 -0.29
CA ASP A 482 6.01 -30.00 -0.40
C ASP A 482 5.56 -31.47 -0.34
N THR A 483 5.43 -32.00 0.87
CA THR A 483 4.97 -33.36 1.05
C THR A 483 3.95 -33.47 2.20
N ILE A 484 3.14 -34.51 2.16
CA ILE A 484 2.28 -34.88 3.31
C ILE A 484 2.63 -36.26 3.83
N ASN A 485 3.66 -36.84 3.22
CA ASN A 485 4.02 -38.21 3.47
C ASN A 485 5.27 -38.41 4.33
N TYR A 486 5.01 -39.00 5.49
CA TYR A 486 6.00 -39.35 6.48
C TYR A 486 7.26 -40.03 5.90
N ASN A 487 7.09 -41.06 5.07
CA ASN A 487 8.25 -41.82 4.57
C ASN A 487 9.15 -40.93 3.76
N VAL A 488 8.56 -40.10 2.90
CA VAL A 488 9.32 -39.19 2.07
C VAL A 488 10.12 -38.18 2.92
N PHE A 489 9.46 -37.58 3.92
CA PHE A 489 10.10 -36.58 4.78
C PHE A 489 11.14 -37.17 5.68
N LYS A 490 10.87 -38.36 6.22
CA LYS A 490 11.86 -39.10 7.01
C LYS A 490 13.18 -39.29 6.22
N GLU A 491 13.09 -39.70 4.95
CA GLU A 491 14.31 -39.94 4.18
C GLU A 491 15.08 -38.65 3.95
N CYS A 492 14.34 -37.56 3.69
CA CYS A 492 14.93 -36.25 3.39
C CYS A 492 15.70 -35.66 4.57
N VAL A 493 15.12 -35.83 5.75
CA VAL A 493 15.62 -35.28 7.00
C VAL A 493 16.82 -36.10 7.48
N ASP A 494 16.73 -37.42 7.41
CA ASP A 494 17.84 -38.32 7.76
C ASP A 494 19.10 -38.01 6.97
N ASN A 495 18.92 -37.67 5.70
CA ASN A 495 19.99 -37.42 4.76
C ASN A 495 20.26 -35.94 4.56
N ASP A 496 20.02 -35.15 5.61
CA ASP A 496 20.13 -33.68 5.58
C ASP A 496 19.83 -33.07 4.19
N LEU A 497 18.69 -33.41 3.61
CA LEU A 497 18.34 -32.90 2.30
C LEU A 497 17.41 -31.70 2.30
N VAL A 498 16.72 -31.44 3.42
CA VAL A 498 15.70 -30.40 3.47
C VAL A 498 15.76 -29.57 4.74
N ASP A 499 15.15 -28.40 4.69
CA ASP A 499 15.09 -27.51 5.86
C ASP A 499 13.68 -27.40 6.43
N ILE A 500 12.68 -27.46 5.54
CA ILE A 500 11.31 -27.08 5.85
C ILE A 500 10.34 -28.11 5.27
N LEU A 501 9.34 -28.48 6.10
CA LEU A 501 8.17 -29.23 5.66
C LEU A 501 7.07 -28.30 5.24
N ASN A 502 6.70 -28.36 3.96
CA ASN A 502 5.50 -27.71 3.42
C ASN A 502 4.42 -28.78 3.39
N ASP A 503 3.66 -28.88 4.48
CA ASP A 503 2.60 -29.88 4.63
C ASP A 503 1.25 -29.23 4.32
N ILE A 504 0.74 -29.45 3.11
CA ILE A 504 -0.52 -28.89 2.67
C ILE A 504 -1.77 -29.37 3.41
N SER A 505 -1.63 -30.34 4.32
CA SER A 505 -2.75 -30.78 5.12
C SER A 505 -2.63 -30.21 6.53
N ALA A 506 -1.67 -29.32 6.75
CA ALA A 506 -1.37 -28.75 8.07
C ALA A 506 -1.09 -29.86 9.12
N CYS A 507 -0.43 -30.91 8.64
CA CYS A 507 0.00 -32.08 9.41
C CYS A 507 -1.17 -32.91 9.95
N THR A 508 -2.35 -32.76 9.34
CA THR A 508 -3.52 -33.55 9.72
C THR A 508 -3.56 -34.90 9.01
N ASN A 509 -2.92 -35.02 7.86
CA ASN A 509 -2.93 -36.30 7.17
C ASN A 509 -2.19 -37.39 7.92
N ASN A 510 -1.05 -37.04 8.48
CA ASN A 510 -0.33 -37.94 9.35
C ASN A 510 0.44 -37.12 10.37
N PRO A 511 -0.20 -36.86 11.52
CA PRO A 511 0.43 -35.98 12.50
C PRO A 511 1.71 -36.54 13.09
N GLU A 512 2.00 -37.81 12.79
CA GLU A 512 3.26 -38.44 13.18
C GLU A 512 4.41 -37.69 12.57
N ILE A 513 4.12 -36.96 11.49
CA ILE A 513 5.16 -36.19 10.79
C ILE A 513 5.75 -35.10 11.71
N ILE A 514 4.97 -34.66 12.69
CA ILE A 514 5.41 -33.72 13.69
C ILE A 514 6.60 -34.25 14.49
N LYS A 515 6.67 -35.56 14.73
CA LYS A 515 7.83 -36.16 15.39
C LYS A 515 9.13 -35.92 14.60
N LEU A 516 9.01 -35.79 13.28
CA LEU A 516 10.19 -35.59 12.44
C LEU A 516 10.71 -34.15 12.42
N LEU A 517 9.93 -33.23 13.00
CA LEU A 517 10.30 -31.82 13.07
C LEU A 517 11.25 -31.49 14.21
N LYS A 518 11.47 -32.46 15.10
CA LYS A 518 12.44 -32.38 16.21
C LYS A 518 13.49 -33.48 16.06
N LYS A 519 14.77 -33.13 16.07
CA LYS A 519 15.80 -34.15 16.29
C LYS A 519 16.19 -34.14 17.77
N LYS A 520 17.40 -33.72 18.08
CA LYS A 520 17.80 -33.49 19.45
C LYS A 520 18.16 -32.03 19.46
N ASN A 521 19.34 -31.75 18.88
CA ASN A 521 19.84 -30.40 18.72
C ASN A 521 18.94 -29.59 17.76
N LYS A 522 18.61 -30.22 16.63
CA LYS A 522 17.96 -29.53 15.53
C LYS A 522 16.41 -29.54 15.58
N PHE A 523 15.83 -28.40 15.19
CA PHE A 523 14.40 -28.26 14.94
C PHE A 523 14.18 -27.91 13.46
N TYR A 524 13.12 -28.44 12.85
CA TYR A 524 12.75 -28.06 11.46
C TYR A 524 11.51 -27.17 11.40
N SER A 525 11.50 -26.23 10.47
CA SER A 525 10.37 -25.34 10.32
C SER A 525 9.28 -25.97 9.44
N VAL A 526 8.07 -25.42 9.55
CA VAL A 526 6.92 -26.04 8.93
C VAL A 526 5.94 -24.99 8.43
N VAL A 527 5.49 -25.19 7.20
CA VAL A 527 4.35 -24.46 6.66
C VAL A 527 3.07 -25.27 6.91
N LEU A 528 2.07 -24.63 7.50
CA LEU A 528 0.74 -25.23 7.73
C LEU A 528 -0.24 -24.59 6.79
N MET A 529 -0.82 -25.38 5.91
CA MET A 529 -1.73 -24.83 4.88
C MET A 529 -3.20 -25.26 5.10
N HIS A 530 -4.14 -24.37 4.81
CA HIS A 530 -5.54 -24.76 4.87
C HIS A 530 -6.06 -25.29 3.54
N LYS A 531 -6.73 -26.44 3.58
CA LYS A 531 -7.56 -26.98 2.48
C LYS A 531 -8.65 -27.88 3.05
N ARG A 532 -9.58 -28.25 2.18
CA ARG A 532 -10.50 -29.35 2.44
C ARG A 532 -10.41 -30.27 1.24
N GLY A 533 -10.63 -31.57 1.48
CA GLY A 533 -10.73 -32.56 0.41
C GLY A 533 -9.42 -32.77 -0.29
N ASN A 534 -9.52 -33.21 -1.55
CA ASN A 534 -8.38 -33.57 -2.36
C ASN A 534 -8.54 -32.84 -3.70
N PRO A 535 -7.64 -33.05 -4.70
CA PRO A 535 -7.76 -32.30 -5.96
C PRO A 535 -9.03 -32.52 -6.79
N HIS A 536 -9.82 -33.55 -6.43
CA HIS A 536 -11.05 -33.89 -7.16
C HIS A 536 -12.30 -33.44 -6.46
N THR A 537 -12.20 -33.32 -5.14
CA THR A 537 -13.34 -32.96 -4.30
C THR A 537 -13.34 -31.50 -3.88
N MET A 538 -12.15 -30.87 -3.87
CA MET A 538 -11.99 -29.56 -3.20
C MET A 538 -12.86 -28.43 -3.74
N ASP A 539 -13.06 -28.39 -5.06
CA ASP A 539 -13.87 -27.34 -5.69
C ASP A 539 -15.34 -27.34 -5.29
N LYS A 540 -15.77 -28.42 -4.63
CA LYS A 540 -17.15 -28.57 -4.17
C LYS A 540 -17.31 -28.22 -2.69
N LEU A 541 -16.20 -28.23 -1.94
CA LEU A 541 -16.21 -28.08 -0.46
C LEU A 541 -16.03 -26.64 0.02
N THR A 542 -17.00 -25.83 -0.34
CA THR A 542 -16.83 -24.40 -0.47
C THR A 542 -17.74 -23.56 0.47
N ASN A 543 -18.52 -24.21 1.33
CA ASN A 543 -19.32 -23.49 2.34
C ASN A 543 -18.47 -23.17 3.54
N TYR A 544 -18.52 -21.89 3.91
CA TYR A 544 -17.88 -21.38 5.10
C TYR A 544 -18.88 -20.41 5.69
N ASP A 545 -19.09 -20.50 7.00
CA ASP A 545 -19.87 -19.51 7.75
C ASP A 545 -19.22 -18.14 7.83
N ASN A 546 -17.90 -18.13 8.00
CA ASN A 546 -17.12 -16.91 8.19
C ASN A 546 -15.74 -17.16 7.60
N LEU A 547 -15.66 -17.11 6.27
CA LEU A 547 -14.48 -17.52 5.49
C LEU A 547 -13.11 -17.19 6.12
N VAL A 548 -12.88 -15.90 6.33
CA VAL A 548 -11.59 -15.36 6.72
C VAL A 548 -11.20 -15.89 8.08
N TYR A 549 -12.17 -15.92 9.00
CA TYR A 549 -11.91 -16.32 10.38
C TYR A 549 -11.97 -17.81 10.63
N ASP A 550 -12.72 -18.53 9.82
CA ASP A 550 -12.71 -20.00 9.86
C ASP A 550 -11.32 -20.54 9.51
N ILE A 551 -10.70 -19.97 8.47
CA ILE A 551 -9.38 -20.39 8.02
C ILE A 551 -8.37 -19.99 9.09
N LYS A 552 -8.49 -18.73 9.54
CA LYS A 552 -7.59 -18.19 10.53
C LYS A 552 -7.66 -19.03 11.81
N ASN A 553 -8.88 -19.30 12.29
CA ASN A 553 -9.01 -20.13 13.49
C ASN A 553 -8.46 -21.57 13.28
N TYR A 554 -8.71 -22.17 12.10
CA TYR A 554 -8.18 -23.49 11.79
C TYR A 554 -6.66 -23.53 11.91
N LEU A 555 -5.99 -22.53 11.32
CA LEU A 555 -4.52 -22.46 11.37
C LEU A 555 -3.98 -22.25 12.77
N GLU A 556 -4.64 -21.39 13.55
CA GLU A 556 -4.26 -21.17 14.96
C GLU A 556 -4.44 -22.45 15.78
N GLN A 557 -5.52 -23.17 15.51
CA GLN A 557 -5.74 -24.44 16.15
C GLN A 557 -4.67 -25.45 15.79
N ARG A 558 -4.22 -25.45 14.53
CA ARG A 558 -3.16 -26.35 14.10
C ARG A 558 -1.82 -25.98 14.72
N LEU A 559 -1.50 -24.68 14.79
CA LEU A 559 -0.31 -24.24 15.50
C LEU A 559 -0.36 -24.69 16.96
N ASN A 560 -1.48 -24.45 17.63
CA ASN A 560 -1.64 -24.86 19.04
C ASN A 560 -1.27 -26.31 19.28
N PHE A 561 -1.74 -27.18 18.38
CA PHE A 561 -1.47 -28.60 18.47
C PHE A 561 0.03 -28.87 18.28
N LEU A 562 0.63 -28.25 17.25
CA LEU A 562 2.08 -28.33 17.06
C LEU A 562 2.86 -27.81 18.27
N VAL A 563 2.42 -26.68 18.80
CA VAL A 563 3.10 -26.03 19.92
C VAL A 563 2.97 -26.85 21.21
N LEU A 564 1.80 -27.44 21.43
CA LEU A 564 1.56 -28.36 22.53
C LEU A 564 2.49 -29.57 22.47
N ASN A 565 2.91 -29.91 21.25
CA ASN A 565 3.72 -31.08 21.00
C ASN A 565 5.17 -30.73 20.77
N GLY A 566 5.53 -29.52 21.23
CA GLY A 566 6.91 -29.11 21.39
C GLY A 566 7.57 -28.48 20.19
N ILE A 567 6.80 -28.21 19.15
CA ILE A 567 7.31 -27.44 17.99
C ILE A 567 7.33 -25.96 18.35
N PRO A 568 8.49 -25.31 18.16
CA PRO A 568 8.61 -23.90 18.54
C PRO A 568 7.73 -23.01 17.67
N ARG A 569 6.99 -22.11 18.32
CA ARG A 569 6.00 -21.24 17.69
C ARG A 569 6.58 -20.44 16.53
N TYR A 570 7.80 -19.96 16.72
CA TYR A 570 8.49 -19.08 15.77
C TYR A 570 8.99 -19.83 14.51
N ARG A 571 8.71 -21.13 14.44
CA ARG A 571 9.13 -21.95 13.31
C ARG A 571 7.92 -22.41 12.49
N ILE A 572 6.76 -21.85 12.79
CA ILE A 572 5.56 -22.28 12.16
C ILE A 572 5.03 -21.20 11.25
N LEU A 573 4.80 -21.56 9.99
CA LEU A 573 4.32 -20.62 8.98
C LEU A 573 2.87 -20.93 8.58
N PHE A 574 2.11 -19.85 8.40
CA PHE A 574 0.69 -19.90 8.09
C PHE A 574 0.51 -19.74 6.60
N ASP A 575 -0.35 -20.58 6.04
CA ASP A 575 -0.77 -20.46 4.64
C ASP A 575 -2.29 -20.71 4.50
N ILE A 576 -2.94 -19.74 3.89
CA ILE A 576 -4.40 -19.73 3.72
C ILE A 576 -4.89 -20.69 2.65
N GLY A 577 -3.96 -21.31 1.92
CA GLY A 577 -4.28 -22.25 0.85
C GLY A 577 -5.19 -21.70 -0.24
N LEU A 578 -4.70 -20.69 -0.97
CA LEU A 578 -5.44 -20.11 -2.07
C LEU A 578 -5.76 -21.16 -3.14
N GLY A 579 -6.98 -21.16 -3.65
CA GLY A 579 -7.39 -22.14 -4.66
C GLY A 579 -7.76 -23.52 -4.15
N PHE A 580 -7.57 -23.78 -2.86
CA PHE A 580 -7.89 -25.08 -2.25
C PHE A 580 -9.18 -24.94 -1.48
N ALA A 581 -10.29 -25.48 -2.03
CA ALA A 581 -11.66 -25.39 -1.43
C ALA A 581 -12.10 -23.95 -1.23
N LYS A 582 -11.89 -23.18 -2.28
CA LYS A 582 -12.21 -21.79 -2.30
C LYS A 582 -12.66 -21.47 -3.71
N LYS A 583 -13.88 -20.93 -3.83
CA LYS A 583 -14.32 -20.25 -5.06
C LYS A 583 -13.34 -19.10 -5.34
N HIS A 584 -13.28 -18.66 -6.59
CA HIS A 584 -12.37 -17.58 -6.96
C HIS A 584 -12.57 -16.27 -6.17
N ASP A 585 -13.83 -15.87 -5.96
CA ASP A 585 -14.19 -14.69 -5.11
C ASP A 585 -13.73 -14.89 -3.66
N GLN A 586 -13.79 -16.13 -3.20
CA GLN A 586 -13.31 -16.49 -1.88
C GLN A 586 -11.80 -16.35 -1.76
N SER A 587 -11.06 -16.82 -2.77
CA SER A 587 -9.61 -16.61 -2.84
C SER A 587 -9.22 -15.11 -2.85
N ILE A 588 -9.95 -14.31 -3.63
CA ILE A 588 -9.79 -12.85 -3.59
C ILE A 588 -10.07 -12.28 -2.18
N LYS A 589 -11.15 -12.72 -1.54
CA LYS A 589 -11.58 -12.17 -0.24
C LYS A 589 -10.52 -12.48 0.84
N LEU A 590 -9.93 -13.67 0.75
CA LEU A 590 -8.83 -14.07 1.61
C LEU A 590 -7.63 -13.13 1.47
N LEU A 591 -7.30 -12.71 0.24
CA LEU A 591 -6.23 -11.71 0.03
C LEU A 591 -6.61 -10.29 0.49
N GLN A 592 -7.83 -9.86 0.15
CA GLN A 592 -8.37 -8.59 0.66
C GLN A 592 -8.24 -8.48 2.18
N ASN A 593 -8.37 -9.60 2.88
CA ASN A 593 -8.36 -9.64 4.33
C ASN A 593 -7.08 -10.26 4.90
N ILE A 594 -6.05 -10.33 4.07
CA ILE A 594 -4.74 -10.81 4.50
C ILE A 594 -4.19 -10.13 5.78
N HIS A 595 -4.65 -8.90 6.10
CA HIS A 595 -4.20 -8.13 7.31
C HIS A 595 -4.36 -8.93 8.65
N VAL A 596 -5.33 -9.82 8.62
CA VAL A 596 -5.67 -10.77 9.66
C VAL A 596 -4.46 -11.62 10.13
N TYR A 597 -3.44 -11.74 9.28
CA TYR A 597 -2.20 -12.46 9.64
C TYR A 597 -1.01 -11.55 10.02
N ASP A 598 -1.32 -10.30 10.41
CA ASP A 598 -0.29 -9.28 10.71
C ASP A 598 0.63 -9.68 11.87
N GLU A 599 0.16 -10.54 12.75
CA GLU A 599 0.92 -10.96 13.90
C GLU A 599 1.72 -12.25 13.62
N TYR A 600 1.55 -12.85 12.43
CA TYR A 600 2.02 -14.22 12.19
C TYR A 600 2.94 -14.33 10.98
N PRO A 601 3.87 -15.31 10.97
CA PRO A 601 4.63 -15.59 9.75
C PRO A 601 3.71 -16.17 8.68
N LEU A 602 3.76 -15.60 7.49
CA LEU A 602 2.76 -15.85 6.46
C LEU A 602 3.39 -16.29 5.16
N PHE A 603 2.87 -17.39 4.61
CA PHE A 603 3.36 -18.03 3.39
C PHE A 603 2.13 -18.13 2.48
N ILE A 604 2.19 -17.63 1.26
CA ILE A 604 1.06 -17.80 0.33
C ILE A 604 1.52 -18.26 -1.06
N GLY A 605 0.66 -18.99 -1.75
CA GLY A 605 0.88 -19.39 -3.12
C GLY A 605 -0.29 -19.00 -4.01
N TYR A 606 -0.10 -17.95 -4.79
CA TYR A 606 -1.12 -17.53 -5.74
C TYR A 606 -0.75 -17.96 -7.15
N SER A 607 0.51 -18.38 -7.34
CA SER A 607 1.16 -18.46 -8.63
C SER A 607 0.41 -19.30 -9.65
N ARG A 608 -0.08 -18.62 -10.69
CA ARG A 608 -0.70 -19.26 -11.86
C ARG A 608 -2.03 -19.92 -11.57
N LYS A 609 -2.66 -19.58 -10.46
CA LYS A 609 -3.92 -20.24 -10.12
C LYS A 609 -5.06 -19.67 -10.92
N ARG A 610 -6.10 -20.49 -11.09
CA ARG A 610 -7.29 -20.15 -11.84
C ARG A 610 -7.91 -18.82 -11.46
N PHE A 611 -7.91 -18.48 -10.16
CA PHE A 611 -8.57 -17.25 -9.71
C PHE A 611 -7.98 -15.96 -10.31
N ILE A 612 -6.67 -15.96 -10.57
CA ILE A 612 -6.01 -14.82 -11.18
C ILE A 612 -6.68 -14.50 -12.53
N ALA A 613 -6.84 -15.55 -13.35
CA ALA A 613 -7.47 -15.48 -14.67
C ALA A 613 -8.89 -14.99 -14.57
N HIS A 614 -9.59 -15.34 -13.50
CA HIS A 614 -10.98 -14.93 -13.27
C HIS A 614 -11.13 -13.42 -13.00
N CYS A 615 -10.03 -12.76 -12.65
CA CYS A 615 -10.02 -11.31 -12.43
C CYS A 615 -9.77 -10.49 -13.72
N MET A 616 -9.28 -11.16 -14.77
CA MET A 616 -8.99 -10.53 -16.06
C MET A 616 -10.19 -10.35 -17.00
N ASN A 617 -9.95 -9.69 -18.14
CA ASN A 617 -10.96 -9.36 -19.14
C ASN A 617 -10.94 -10.36 -20.29
N ASP A 657 -1.52 -16.06 -30.58
CA ASP A 657 -2.00 -17.40 -30.25
C ASP A 657 -2.80 -17.38 -28.95
N LYS A 658 -4.00 -17.94 -28.99
CA LYS A 658 -4.96 -17.89 -27.87
C LYS A 658 -4.47 -18.57 -26.58
N ASP A 659 -3.97 -19.81 -26.73
CA ASP A 659 -3.52 -20.63 -25.59
C ASP A 659 -2.34 -20.02 -24.81
N GLN A 660 -1.38 -19.45 -25.53
CA GLN A 660 -0.21 -18.82 -24.93
C GLN A 660 -0.51 -17.40 -24.37
N LEU A 661 -1.62 -16.80 -24.82
CA LEU A 661 -2.03 -15.46 -24.37
C LEU A 661 -2.47 -15.45 -22.90
N LEU A 662 -3.46 -16.28 -22.55
CA LEU A 662 -4.01 -16.35 -21.19
C LEU A 662 -2.95 -16.85 -20.20
N TYR A 663 -2.04 -17.69 -20.68
CA TYR A 663 -0.85 -18.10 -19.97
C TYR A 663 -0.07 -16.88 -19.44
N GLN A 664 0.13 -15.89 -20.33
CA GLN A 664 0.90 -14.66 -20.07
C GLN A 664 0.19 -13.73 -19.09
N LYS A 665 -1.07 -13.41 -19.39
CA LYS A 665 -1.94 -12.57 -18.55
C LYS A 665 -1.94 -13.05 -17.10
N ASN A 666 -1.78 -14.37 -16.92
CA ASN A 666 -1.85 -15.03 -15.64
C ASN A 666 -0.57 -14.79 -14.82
N ILE A 667 0.58 -14.87 -15.49
CA ILE A 667 1.87 -14.58 -14.86
C ILE A 667 1.97 -13.10 -14.56
N CYS A 668 1.54 -12.29 -15.53
CA CYS A 668 1.50 -10.86 -15.35
C CYS A 668 0.57 -10.46 -14.15
N GLY A 669 -0.59 -11.10 -14.04
CA GLY A 669 -1.52 -10.89 -12.91
C GLY A 669 -0.96 -11.36 -11.56
N GLY A 670 -0.21 -12.45 -11.57
CA GLY A 670 0.52 -12.86 -10.40
C GLY A 670 1.43 -11.77 -9.85
N LEU A 671 2.03 -10.97 -10.74
CA LEU A 671 2.96 -9.93 -10.32
C LEU A 671 2.25 -8.77 -9.60
N ALA A 672 0.98 -8.56 -9.94
CA ALA A 672 0.14 -7.67 -9.17
C ALA A 672 -0.05 -8.17 -7.72
N ILE A 673 -0.15 -9.49 -7.54
CA ILE A 673 -0.34 -10.03 -6.21
C ILE A 673 0.99 -9.97 -5.45
N ALA A 674 2.11 -10.15 -6.17
CA ALA A 674 3.44 -9.90 -5.59
C ALA A 674 3.55 -8.46 -5.04
N SER A 675 3.05 -7.49 -5.80
CA SER A 675 3.09 -6.08 -5.41
C SER A 675 2.28 -5.88 -4.16
N TYR A 676 1.05 -6.41 -4.19
CA TYR A 676 0.14 -6.40 -3.07
C TYR A 676 0.75 -7.07 -1.84
N SER A 677 1.39 -8.22 -2.03
CA SER A 677 2.06 -8.96 -0.96
C SER A 677 3.19 -8.13 -0.38
N TYR A 678 3.90 -7.42 -1.26
CA TYR A 678 4.96 -6.52 -0.82
C TYR A 678 4.44 -5.49 0.22
N TYR A 679 3.38 -4.77 -0.14
CA TYR A 679 2.78 -3.75 0.71
C TYR A 679 2.04 -4.31 1.93
N LYS A 680 1.57 -5.55 1.84
CA LYS A 680 0.94 -6.17 3.00
C LYS A 680 1.97 -6.87 3.87
N LYS A 681 3.23 -6.88 3.41
CA LYS A 681 4.37 -7.42 4.16
C LYS A 681 4.26 -8.92 4.42
N VAL A 682 3.72 -9.63 3.46
CA VAL A 682 3.66 -11.06 3.46
C VAL A 682 5.11 -11.61 3.53
N ASP A 683 5.38 -12.49 4.48
CA ASP A 683 6.75 -12.99 4.65
C ASP A 683 7.31 -13.88 3.50
N LEU A 684 6.50 -14.80 2.99
CA LEU A 684 6.96 -15.70 1.92
C LEU A 684 5.91 -15.82 0.82
N ILE A 685 6.37 -15.82 -0.43
CA ILE A 685 5.49 -16.00 -1.59
C ILE A 685 6.01 -17.12 -2.49
N ARG A 686 5.13 -18.08 -2.77
CA ARG A 686 5.48 -19.32 -3.48
C ARG A 686 5.22 -19.10 -4.96
N VAL A 687 6.26 -18.98 -5.78
CA VAL A 687 6.06 -18.61 -7.18
C VAL A 687 6.80 -19.50 -8.20
N HIS A 688 6.24 -19.57 -9.40
CA HIS A 688 6.84 -20.22 -10.56
C HIS A 688 7.87 -19.29 -11.26
N ASP A 689 7.48 -18.03 -11.41
CA ASP A 689 8.27 -17.05 -12.16
C ASP A 689 9.14 -16.14 -11.28
N VAL A 690 10.31 -16.67 -10.90
CA VAL A 690 11.23 -16.09 -9.92
C VAL A 690 11.84 -14.80 -10.42
N LEU A 691 12.38 -14.80 -11.63
CA LEU A 691 13.02 -13.58 -12.17
C LEU A 691 12.07 -12.39 -12.25
N GLU A 692 10.85 -12.64 -12.73
CA GLU A 692 9.85 -11.58 -12.88
C GLU A 692 9.46 -11.05 -11.52
N THR A 693 9.34 -11.96 -10.55
CA THR A 693 8.91 -11.61 -9.21
C THR A 693 9.99 -10.81 -8.51
N LYS A 694 11.24 -11.24 -8.65
CA LYS A 694 12.42 -10.54 -8.12
C LYS A 694 12.59 -9.10 -8.63
N SER A 695 12.42 -8.93 -9.94
CA SER A 695 12.42 -7.62 -10.56
C SER A 695 11.37 -6.69 -9.94
N VAL A 696 10.15 -7.20 -9.71
CA VAL A 696 9.08 -6.36 -9.13
C VAL A 696 9.50 -5.95 -7.72
N LEU A 697 9.93 -6.92 -6.93
CA LEU A 697 10.21 -6.67 -5.52
C LEU A 697 11.41 -5.75 -5.32
N ASP A 698 12.45 -5.91 -6.14
CA ASP A 698 13.65 -5.03 -6.09
C ASP A 698 13.29 -3.57 -6.30
N VAL A 699 12.42 -3.30 -7.28
CA VAL A 699 11.98 -1.93 -7.58
C VAL A 699 11.11 -1.38 -6.48
N LEU A 700 10.18 -2.19 -5.96
CA LEU A 700 9.30 -1.73 -4.88
C LEU A 700 10.13 -1.40 -3.63
N THR A 701 11.14 -2.23 -3.38
CA THR A 701 12.06 -2.03 -2.27
C THR A 701 12.84 -0.72 -2.46
N LYS A 702 13.31 -0.45 -3.68
CA LYS A 702 14.05 0.77 -3.95
C LYS A 702 13.19 2.02 -3.79
N ILE A 703 11.93 1.95 -4.18
CA ILE A 703 11.04 3.08 -4.03
C ILE A 703 10.84 3.39 -2.54
N ASP A 704 10.99 2.39 -1.68
CA ASP A 704 10.87 2.57 -0.22
C ASP A 704 12.12 3.04 0.52
N GLN A 705 13.29 2.91 -0.10
CA GLN A 705 14.53 3.42 0.51
C GLN A 705 14.68 4.95 0.37
N VAL A 706 14.28 5.67 1.43
CA VAL A 706 14.26 7.15 1.49
C VAL A 706 15.64 7.77 1.82
N LEU B 9 -26.71 55.96 -20.15
CA LEU B 9 -26.90 54.48 -20.20
C LEU B 9 -25.62 53.75 -20.69
N SER B 10 -25.63 53.32 -21.95
CA SER B 10 -24.53 52.54 -22.53
C SER B 10 -23.61 53.39 -23.41
N GLU B 11 -22.52 53.87 -22.81
CA GLU B 11 -21.59 54.81 -23.48
C GLU B 11 -20.12 54.34 -23.55
N GLU B 12 -19.36 54.59 -22.48
CA GLU B 12 -17.88 54.57 -22.48
C GLU B 12 -17.19 53.22 -22.73
N ASN B 13 -15.89 53.30 -23.10
CA ASN B 13 -15.04 52.13 -23.41
C ASN B 13 -13.98 51.85 -22.32
N LYS B 14 -14.25 50.85 -21.47
CA LYS B 14 -13.39 50.52 -20.30
C LYS B 14 -13.10 49.00 -20.16
N THR B 15 -12.26 48.63 -19.19
CA THR B 15 -11.91 47.21 -18.91
C THR B 15 -12.00 46.81 -17.42
N ASN B 16 -12.84 45.81 -17.13
CA ASN B 16 -13.14 45.37 -15.75
C ASN B 16 -12.83 43.87 -15.51
N ILE B 17 -12.68 43.51 -14.23
CA ILE B 17 -12.45 42.11 -13.83
C ILE B 17 -13.72 41.46 -13.27
N ALA B 18 -14.14 40.36 -13.91
CA ALA B 18 -15.43 39.73 -13.62
C ALA B 18 -15.41 38.22 -13.39
N VAL B 19 -15.62 37.83 -12.14
CA VAL B 19 -15.68 36.44 -11.71
C VAL B 19 -17.08 35.86 -12.00
N LEU B 20 -17.13 34.74 -12.71
CA LEU B 20 -18.39 34.10 -13.06
C LEU B 20 -18.51 32.71 -12.45
N ASN B 21 -19.74 32.23 -12.29
CA ASN B 21 -20.01 30.82 -11.98
C ASN B 21 -20.77 30.18 -13.13
N LEU B 22 -20.43 28.93 -13.45
CA LEU B 22 -21.04 28.22 -14.57
C LEU B 22 -21.49 26.83 -14.12
N GLY B 23 -22.76 26.52 -14.37
CA GLY B 23 -23.38 25.28 -13.86
C GLY B 23 -24.14 24.48 -14.89
N THR B 24 -24.38 23.21 -14.58
CA THR B 24 -25.14 22.27 -15.43
C THR B 24 -25.44 20.96 -14.70
N ASN B 25 -26.49 20.26 -15.13
CA ASN B 25 -26.93 19.00 -14.53
C ASN B 25 -26.68 17.81 -15.45
N ASP B 26 -26.35 18.10 -16.71
CA ASP B 26 -26.20 17.09 -17.76
C ASP B 26 -24.79 16.45 -17.75
N ARG B 27 -24.55 15.58 -16.75
CA ARG B 27 -23.28 14.82 -16.56
C ARG B 27 -22.66 14.26 -17.86
N ARG B 28 -23.48 13.65 -18.70
CA ARG B 28 -23.03 13.06 -19.97
C ARG B 28 -22.45 14.10 -20.95
N ASN B 29 -22.90 15.35 -20.83
CA ASN B 29 -22.51 16.41 -21.77
C ASN B 29 -22.01 17.70 -21.11
N ALA B 30 -21.70 17.62 -19.81
CA ALA B 30 -21.19 18.76 -19.04
C ALA B 30 -19.99 19.47 -19.69
N VAL B 31 -19.17 18.72 -20.42
CA VAL B 31 -18.04 19.28 -21.16
C VAL B 31 -18.52 20.08 -22.39
N LEU B 32 -19.25 19.43 -23.29
CA LEU B 32 -19.84 20.08 -24.47
C LEU B 32 -20.66 21.32 -24.12
N ILE B 33 -21.36 21.27 -22.99
CA ILE B 33 -22.17 22.38 -22.49
C ILE B 33 -21.27 23.53 -22.04
N LEU B 34 -20.48 23.31 -20.98
CA LEU B 34 -19.73 24.36 -20.30
C LEU B 34 -18.63 25.03 -21.15
N GLU B 35 -18.18 24.34 -22.21
CA GLU B 35 -17.14 24.86 -23.12
C GLU B 35 -17.73 25.68 -24.29
N THR B 36 -18.99 25.40 -24.62
CA THR B 36 -19.81 26.29 -25.45
C THR B 36 -20.08 27.56 -24.64
N ALA B 37 -20.55 27.39 -23.41
CA ALA B 37 -20.70 28.48 -22.44
C ALA B 37 -19.42 29.31 -22.35
N LEU B 38 -18.28 28.65 -22.15
CA LEU B 38 -16.97 29.31 -22.08
C LEU B 38 -16.66 30.14 -23.31
N HIS B 39 -16.92 29.59 -24.50
CA HIS B 39 -16.64 30.29 -25.75
C HIS B 39 -17.52 31.51 -25.95
N LEU B 40 -18.79 31.39 -25.57
CA LEU B 40 -19.71 32.52 -25.66
C LEU B 40 -19.31 33.63 -24.68
N VAL B 41 -18.74 33.25 -23.52
CA VAL B 41 -18.08 34.20 -22.60
C VAL B 41 -16.79 34.79 -23.24
N GLU B 42 -16.19 34.06 -24.18
CA GLU B 42 -15.00 34.54 -24.92
C GLU B 42 -15.37 35.50 -26.04
N LYS B 43 -16.47 35.19 -26.74
CA LYS B 43 -17.01 36.01 -27.82
C LYS B 43 -17.64 37.30 -27.26
N TYR B 44 -18.57 37.16 -26.30
CA TYR B 44 -19.50 38.24 -25.94
C TYR B 44 -19.18 39.12 -24.72
N LEU B 45 -18.16 38.77 -23.94
CA LEU B 45 -17.90 39.50 -22.68
C LEU B 45 -16.49 40.09 -22.55
N GLY B 46 -15.51 39.45 -23.19
CA GLY B 46 -14.11 39.85 -23.11
C GLY B 46 -13.14 38.69 -23.27
N LYS B 47 -12.21 38.55 -22.31
CA LYS B 47 -11.20 37.49 -22.36
C LYS B 47 -11.08 36.69 -21.06
N ILE B 48 -11.21 35.37 -21.18
CA ILE B 48 -11.01 34.41 -20.08
C ILE B 48 -9.51 34.44 -19.68
N ILE B 49 -9.26 34.73 -18.41
CA ILE B 49 -7.90 34.85 -17.88
C ILE B 49 -7.65 33.98 -16.63
N ASN B 50 -8.63 33.14 -16.29
CA ASN B 50 -8.52 32.17 -15.20
C ASN B 50 -9.70 31.23 -15.22
N THR B 51 -9.45 29.95 -14.93
CA THR B 51 -10.51 28.98 -14.66
C THR B 51 -10.17 28.17 -13.40
N SER B 52 -11.18 27.49 -12.85
CA SER B 52 -10.99 26.51 -11.79
C SER B 52 -11.11 25.14 -12.46
N TYR B 53 -10.98 24.07 -11.68
CA TYR B 53 -11.33 22.74 -12.19
C TYR B 53 -12.84 22.59 -12.40
N LEU B 54 -13.22 21.56 -13.16
CA LEU B 54 -14.59 21.11 -13.24
C LEU B 54 -14.86 20.33 -11.97
N TYR B 55 -16.05 20.52 -11.41
CA TYR B 55 -16.45 19.77 -10.21
C TYR B 55 -17.83 19.16 -10.33
N GLU B 56 -17.96 17.88 -9.95
CA GLU B 56 -19.26 17.25 -9.68
C GLU B 56 -19.58 17.53 -8.22
N THR B 57 -20.68 18.25 -8.01
CA THR B 57 -21.07 18.73 -6.69
C THR B 57 -22.49 18.32 -6.32
N VAL B 58 -22.66 17.95 -5.06
CA VAL B 58 -23.98 17.70 -4.50
C VAL B 58 -24.62 19.05 -4.11
N PRO B 59 -25.91 19.28 -4.50
CA PRO B 59 -26.66 20.39 -3.87
C PRO B 59 -26.84 20.04 -2.40
N GLU B 60 -26.27 20.89 -1.55
CA GLU B 60 -25.73 20.54 -0.21
C GLU B 60 -26.51 19.63 0.76
N TYR B 61 -27.84 19.62 0.65
CA TYR B 61 -28.73 19.04 1.68
C TYR B 61 -28.82 17.51 1.72
N ILE B 62 -28.82 16.85 0.56
CA ILE B 62 -28.87 15.38 0.47
C ILE B 62 -27.48 14.81 0.15
N ASN B 83 -26.88 17.75 -29.25
CA ASN B 83 -26.83 17.37 -30.66
C ASN B 83 -27.28 18.50 -31.60
N TYR B 84 -27.77 19.59 -31.01
CA TYR B 84 -28.26 20.75 -31.76
C TYR B 84 -27.25 21.91 -31.78
N ILE B 85 -26.27 21.83 -30.89
CA ILE B 85 -25.31 22.93 -30.64
C ILE B 85 -24.29 23.07 -31.79
N ASN B 86 -24.02 21.96 -32.50
CA ASN B 86 -23.09 21.94 -33.65
C ASN B 86 -23.48 22.95 -34.73
N GLU B 87 -24.78 23.02 -35.02
CA GLU B 87 -25.34 23.98 -35.98
C GLU B 87 -25.50 25.39 -35.40
N LEU B 88 -25.65 25.49 -34.08
CA LEU B 88 -25.72 26.79 -33.40
C LEU B 88 -24.40 27.57 -33.46
N MET B 89 -23.30 26.83 -33.67
CA MET B 89 -21.95 27.41 -33.78
C MET B 89 -21.66 28.03 -35.16
N GLN B 90 -22.25 27.44 -36.20
CA GLN B 90 -22.19 27.99 -37.57
C GLN B 90 -22.95 29.32 -37.74
N ASN B 91 -23.99 29.52 -36.94
CA ASN B 91 -24.84 30.71 -37.04
C ASN B 91 -24.85 31.55 -35.75
N LEU B 92 -23.76 32.28 -35.53
CA LEU B 92 -23.64 33.15 -34.36
C LEU B 92 -23.52 34.60 -34.78
N GLU B 93 -24.09 35.47 -33.95
CA GLU B 93 -24.00 36.91 -34.17
C GLU B 93 -22.68 37.43 -33.58
N GLU B 94 -21.88 38.08 -34.42
CA GLU B 94 -20.50 38.47 -34.07
C GLU B 94 -20.46 39.64 -33.10
N SER B 95 -19.41 39.66 -32.26
CA SER B 95 -19.17 40.77 -31.33
C SER B 95 -18.76 42.02 -32.08
N LYS B 96 -19.06 43.19 -31.50
CA LYS B 96 -18.61 44.48 -32.02
C LYS B 96 -17.09 44.59 -31.87
N TYR B 97 -16.57 43.87 -30.88
CA TYR B 97 -15.17 43.84 -30.51
C TYR B 97 -14.41 42.78 -31.30
N GLU B 98 -13.08 42.91 -31.32
CA GLU B 98 -12.22 41.91 -31.94
C GLU B 98 -11.64 40.93 -30.92
N GLU B 99 -11.62 39.66 -31.32
CA GLU B 99 -11.06 38.55 -30.55
C GLU B 99 -9.53 38.60 -30.63
N ASN B 100 -8.89 38.83 -29.49
CA ASN B 100 -7.43 38.89 -29.45
C ASN B 100 -6.84 37.56 -28.96
N LYS B 101 -6.48 36.72 -29.94
CA LYS B 101 -6.02 35.35 -29.72
C LYS B 101 -4.56 35.24 -29.21
N GLU B 102 -3.83 36.36 -29.28
CA GLU B 102 -2.39 36.42 -28.93
C GLU B 102 -2.07 36.33 -27.42
N LEU B 103 -0.88 35.85 -27.10
CA LEU B 103 -0.51 35.48 -25.72
C LEU B 103 -0.20 36.66 -24.82
N ILE B 104 -0.37 36.48 -23.51
CA ILE B 104 -0.04 37.50 -22.52
C ILE B 104 0.81 36.96 -21.36
N ASP B 105 1.70 37.81 -20.86
CA ASP B 105 2.60 37.56 -19.73
C ASP B 105 1.92 37.80 -18.38
N LYS B 106 1.20 38.92 -18.29
CA LYS B 106 0.35 39.24 -17.14
C LYS B 106 -0.81 40.17 -17.50
N CYS B 107 -1.62 40.51 -16.49
CA CYS B 107 -2.71 41.49 -16.62
C CYS B 107 -2.65 42.39 -15.42
N GLU B 108 -2.48 43.69 -15.69
CA GLU B 108 -2.31 44.70 -14.64
C GLU B 108 -3.60 44.92 -13.87
N GLU B 109 -4.72 44.94 -14.59
CA GLU B 109 -6.05 45.11 -14.03
C GLU B 109 -6.40 44.00 -13.04
N TYR B 110 -6.11 42.76 -13.46
CA TYR B 110 -6.30 41.56 -12.63
C TYR B 110 -5.46 41.58 -11.37
N GLU B 111 -4.24 42.11 -11.47
CA GLU B 111 -3.33 42.24 -10.32
C GLU B 111 -3.85 43.28 -9.32
N THR B 112 -4.55 44.31 -9.85
CA THR B 112 -5.22 45.35 -9.04
C THR B 112 -6.45 44.77 -8.34
N PHE B 113 -7.29 44.07 -9.11
CA PHE B 113 -8.42 43.30 -8.57
C PHE B 113 -8.04 42.40 -7.38
N LEU B 114 -6.94 41.66 -7.52
CA LEU B 114 -6.44 40.74 -6.48
C LEU B 114 -6.00 41.40 -5.16
N LYS B 115 -5.55 42.65 -5.24
CA LYS B 115 -5.13 43.39 -4.03
C LYS B 115 -6.17 44.42 -3.57
N ASN B 116 -7.21 44.59 -4.40
CA ASN B 116 -8.19 45.66 -4.26
C ASN B 116 -7.52 47.03 -4.14
N GLY B 117 -6.72 47.36 -5.15
CA GLY B 117 -6.17 48.70 -5.33
C GLY B 117 -7.18 49.62 -6.00
N LYS B 118 -6.70 50.79 -6.45
CA LYS B 118 -7.59 51.84 -6.96
C LYS B 118 -8.17 51.52 -8.34
N VAL B 119 -9.46 51.19 -8.34
CA VAL B 119 -10.29 51.03 -9.55
C VAL B 119 -11.33 52.17 -9.58
N ASP B 120 -12.02 52.36 -10.70
CA ASP B 120 -13.06 53.39 -10.86
C ASP B 120 -14.29 53.20 -9.96
N ASN B 121 -15.07 54.28 -9.79
CA ASN B 121 -16.38 54.22 -9.12
C ASN B 121 -17.39 53.46 -9.98
N SER B 122 -18.40 52.90 -9.31
CA SER B 122 -19.42 52.09 -9.98
C SER B 122 -20.47 52.93 -10.72
N ILE B 123 -20.80 52.51 -11.94
CA ILE B 123 -21.89 53.11 -12.73
C ILE B 123 -23.26 52.51 -12.30
N LEU B 124 -23.31 51.96 -11.08
CA LEU B 124 -24.53 51.46 -10.45
C LEU B 124 -24.53 51.76 -8.95
N LYS B 125 -25.71 51.69 -8.34
CA LYS B 125 -25.89 51.99 -6.91
C LYS B 125 -25.23 50.93 -6.00
N GLU B 126 -24.06 51.28 -5.47
CA GLU B 126 -23.36 50.42 -4.51
C GLU B 126 -23.69 50.75 -3.03
N VAL B 127 -24.11 49.72 -2.30
CA VAL B 127 -24.51 49.82 -0.89
C VAL B 127 -23.30 49.78 0.05
N ASN B 128 -23.46 50.30 1.26
CA ASN B 128 -22.39 50.30 2.27
C ASN B 128 -22.13 48.91 2.87
N VAL B 129 -21.13 48.83 3.74
CA VAL B 129 -20.59 47.55 4.25
C VAL B 129 -21.58 46.75 5.13
N GLU B 130 -22.20 47.43 6.10
CA GLU B 130 -23.09 46.79 7.07
C GLU B 130 -24.54 46.59 6.58
N ASN B 131 -24.90 47.22 5.45
CA ASN B 131 -26.23 47.10 4.83
C ASN B 131 -26.35 45.88 3.92
N TYR B 132 -25.29 45.57 3.17
CA TYR B 132 -25.19 44.37 2.35
C TYR B 132 -25.40 43.09 3.19
N LEU B 133 -24.78 43.07 4.37
CA LEU B 133 -24.89 41.96 5.31
C LEU B 133 -26.36 41.60 5.61
N LEU B 134 -27.14 42.63 5.99
CA LEU B 134 -28.56 42.45 6.30
C LEU B 134 -29.47 42.22 5.07
N GLU B 135 -29.17 42.89 3.95
CA GLU B 135 -29.92 42.73 2.69
C GLU B 135 -29.76 41.38 1.99
N CYS B 136 -28.61 40.72 2.22
CA CYS B 136 -28.33 39.40 1.67
C CYS B 136 -29.03 38.30 2.48
N ASN B 137 -28.88 38.37 3.81
CA ASN B 137 -29.44 37.40 4.77
C ASN B 137 -30.93 37.12 4.62
N ASN B 138 -31.71 38.11 4.19
CA ASN B 138 -33.14 37.92 3.92
C ASN B 138 -33.42 37.11 2.65
N ILE B 139 -32.60 37.30 1.61
CA ILE B 139 -32.71 36.53 0.35
C ILE B 139 -32.37 35.05 0.58
N ILE B 140 -31.46 34.81 1.53
CA ILE B 140 -31.11 33.47 1.98
C ILE B 140 -32.27 32.84 2.76
N VAL B 141 -32.71 33.48 3.85
CA VAL B 141 -33.77 32.93 4.74
C VAL B 141 -35.17 32.84 4.08
N LYS B 142 -35.39 33.63 3.04
CA LYS B 142 -36.58 33.54 2.19
C LYS B 142 -36.49 32.34 1.24
N ASN B 143 -35.27 32.05 0.77
CA ASN B 143 -35.03 31.08 -0.31
C ASN B 143 -34.92 29.61 0.11
N ASP B 144 -34.55 29.35 1.38
CA ASP B 144 -34.62 27.98 1.91
C ASP B 144 -36.05 27.61 2.39
N GLU B 145 -37.05 28.24 1.75
CA GLU B 145 -38.49 28.01 2.00
C GLU B 145 -39.24 27.71 0.70
N ILE B 146 -38.98 28.51 -0.33
CA ILE B 146 -39.58 28.35 -1.67
C ILE B 146 -39.08 27.07 -2.34
N MET B 147 -37.81 26.72 -2.07
CA MET B 147 -37.21 25.44 -2.46
C MET B 147 -37.83 24.28 -1.65
N LYS B 148 -38.31 24.60 -0.44
CA LYS B 148 -38.76 23.60 0.55
C LYS B 148 -40.27 23.27 0.45
N ASN B 149 -40.73 22.94 -0.76
CA ASN B 149 -42.15 22.64 -1.02
C ASN B 149 -42.41 21.16 -1.25
N SER B 161 -30.35 14.58 -8.64
CA SER B 161 -29.50 15.18 -9.67
C SER B 161 -28.14 15.65 -9.13
N TYR B 162 -27.19 15.84 -10.05
CA TYR B 162 -25.84 16.32 -9.71
C TYR B 162 -25.52 17.68 -10.37
N PHE B 163 -24.74 18.50 -9.66
CA PHE B 163 -24.30 19.84 -10.12
C PHE B 163 -22.88 19.80 -10.71
N TYR B 164 -22.71 20.32 -11.93
CA TYR B 164 -21.37 20.40 -12.57
C TYR B 164 -20.86 21.84 -12.74
N ASN B 165 -20.02 22.23 -11.78
CA ASN B 165 -19.62 23.62 -11.54
C ASN B 165 -18.21 23.98 -12.05
N LEU B 166 -18.06 25.23 -12.51
CA LEU B 166 -16.81 25.76 -13.09
C LEU B 166 -16.80 27.29 -13.04
N THR B 167 -15.91 27.87 -12.24
CA THR B 167 -15.76 29.32 -12.21
C THR B 167 -14.71 29.84 -13.20
N VAL B 168 -14.78 31.13 -13.51
CA VAL B 168 -13.94 31.80 -14.51
C VAL B 168 -13.65 33.25 -14.09
N VAL B 169 -12.54 33.80 -14.60
CA VAL B 169 -12.23 35.22 -14.41
C VAL B 169 -12.13 35.84 -15.80
N VAL B 170 -12.85 36.94 -15.99
CA VAL B 170 -12.92 37.60 -17.29
C VAL B 170 -12.38 39.04 -17.23
N LYS B 171 -11.47 39.33 -18.16
CA LYS B 171 -11.11 40.71 -18.49
C LYS B 171 -12.26 41.15 -19.40
N THR B 172 -13.08 42.08 -18.89
CA THR B 172 -14.34 42.44 -19.56
C THR B 172 -14.43 43.87 -20.07
N PHE B 173 -14.91 43.99 -21.30
CA PHE B 173 -15.13 45.29 -21.92
C PHE B 173 -16.41 45.99 -21.44
N VAL B 174 -17.28 45.22 -20.77
CA VAL B 174 -18.53 45.71 -20.19
C VAL B 174 -18.25 46.64 -19.00
N ASN B 175 -19.09 47.66 -18.83
CA ASN B 175 -18.86 48.72 -17.85
C ASN B 175 -19.63 48.53 -16.53
N ASP B 176 -20.68 47.71 -16.56
CA ASP B 176 -21.53 47.49 -15.39
C ASP B 176 -22.00 46.03 -15.24
N PRO B 177 -22.11 45.55 -13.97
CA PRO B 177 -22.63 44.22 -13.66
C PRO B 177 -23.96 43.86 -14.33
N LEU B 178 -24.84 44.85 -14.48
CA LEU B 178 -26.18 44.61 -15.04
C LEU B 178 -26.17 44.31 -16.55
N SER B 179 -25.36 45.06 -17.31
CA SER B 179 -25.20 44.84 -18.76
C SER B 179 -24.58 43.48 -19.03
N MET B 180 -23.68 43.08 -18.12
CA MET B 180 -23.12 41.74 -18.09
C MET B 180 -24.24 40.70 -17.91
N LEU B 181 -24.98 40.80 -16.81
CA LEU B 181 -26.14 39.93 -16.52
C LEU B 181 -27.16 39.87 -17.66
N VAL B 182 -27.31 41.01 -18.36
CA VAL B 182 -28.13 41.12 -19.57
C VAL B 182 -27.61 40.21 -20.69
N VAL B 183 -26.35 40.39 -21.09
CA VAL B 183 -25.73 39.53 -22.14
C VAL B 183 -25.55 38.08 -21.69
N ILE B 184 -25.41 37.87 -20.38
CA ILE B 184 -25.35 36.55 -19.76
C ILE B 184 -26.66 35.78 -19.90
N LYS B 185 -27.79 36.42 -19.53
CA LYS B 185 -29.12 35.80 -19.64
C LYS B 185 -29.52 35.65 -21.11
N TYR B 186 -28.96 36.50 -21.97
CA TYR B 186 -29.07 36.34 -23.41
C TYR B 186 -28.33 35.08 -23.84
N ILE B 187 -27.09 34.94 -23.37
CA ILE B 187 -26.26 33.75 -23.61
C ILE B 187 -26.95 32.50 -23.04
N GLU B 188 -27.38 32.57 -21.78
CA GLU B 188 -28.20 31.53 -21.12
C GLU B 188 -29.33 31.03 -22.02
N GLU B 189 -30.15 31.97 -22.49
CA GLU B 189 -31.27 31.68 -23.39
C GLU B 189 -30.85 31.26 -24.80
N LEU B 190 -29.75 31.83 -25.30
CA LEU B 190 -29.27 31.57 -26.67
C LEU B 190 -28.89 30.12 -26.92
N MET B 191 -28.48 29.43 -25.85
CA MET B 191 -28.21 27.98 -25.87
C MET B 191 -29.53 27.21 -26.03
N LYS B 192 -30.30 27.10 -24.94
CA LYS B 192 -31.70 26.60 -24.91
C LYS B 192 -32.16 26.43 -23.45
N ILE B 206 -30.36 23.82 -17.76
CA ILE B 206 -29.13 23.15 -18.21
C ILE B 206 -27.86 24.05 -18.26
N ILE B 207 -28.02 25.34 -17.95
CA ILE B 207 -26.90 26.31 -17.84
C ILE B 207 -27.24 27.52 -16.98
N ASP B 208 -26.41 27.78 -15.96
CA ASP B 208 -26.60 28.92 -15.07
C ASP B 208 -25.29 29.72 -14.90
N ILE B 209 -25.22 30.88 -15.57
CA ILE B 209 -24.07 31.78 -15.45
C ILE B 209 -24.40 32.87 -14.45
N ASP B 210 -23.57 32.96 -13.41
CA ASP B 210 -23.72 33.96 -12.38
C ASP B 210 -22.51 34.88 -12.36
N ILE B 211 -22.65 36.03 -11.71
CA ILE B 211 -21.53 36.94 -11.49
C ILE B 211 -21.29 36.92 -10.00
N LEU B 212 -20.05 36.62 -9.62
CA LEU B 212 -19.69 36.45 -8.21
C LEU B 212 -19.02 37.69 -7.64
N PHE B 213 -18.25 38.38 -8.47
CA PHE B 213 -17.65 39.66 -8.11
C PHE B 213 -17.58 40.55 -9.35
N PHE B 214 -17.36 41.85 -9.11
CA PHE B 214 -17.13 42.84 -10.16
C PHE B 214 -16.28 43.97 -9.58
N ASN B 215 -14.97 43.92 -9.86
CA ASN B 215 -13.97 44.76 -9.18
C ASN B 215 -14.17 44.70 -7.65
N ASP B 216 -13.85 45.80 -6.95
CA ASP B 216 -13.96 45.85 -5.48
C ASP B 216 -15.39 46.08 -4.93
N PHE B 217 -16.35 46.15 -5.85
CA PHE B 217 -17.70 46.69 -5.60
C PHE B 217 -18.51 45.91 -4.57
N THR B 218 -19.43 46.61 -3.91
CA THR B 218 -20.46 46.03 -3.03
C THR B 218 -21.87 46.56 -3.40
N ILE B 219 -22.57 45.84 -4.27
CA ILE B 219 -23.86 46.27 -4.85
C ILE B 219 -25.05 45.44 -4.35
N PHE B 220 -26.18 46.14 -4.12
CA PHE B 220 -27.52 45.52 -4.11
C PHE B 220 -28.53 46.44 -4.81
N MET B 221 -29.29 45.85 -5.73
CA MET B 221 -30.39 46.51 -6.44
C MET B 221 -31.61 45.60 -6.44
N LYS B 222 -32.79 46.22 -6.27
CA LYS B 222 -34.03 45.47 -6.05
C LYS B 222 -34.87 45.17 -7.30
N ASN B 223 -35.03 46.16 -8.19
CA ASN B 223 -35.58 46.01 -9.56
C ASN B 223 -35.82 47.37 -10.22
N ILE B 231 -33.02 47.21 -23.34
CA ILE B 231 -32.29 45.93 -23.38
C ILE B 231 -31.66 45.70 -24.76
N TYR B 232 -32.47 45.86 -25.81
CA TYR B 232 -32.01 45.78 -27.21
C TYR B 232 -30.89 46.80 -27.47
N LYS B 233 -30.96 47.93 -26.77
CA LYS B 233 -29.94 48.98 -26.79
C LYS B 233 -28.59 48.52 -26.22
N ILE B 234 -28.63 47.63 -25.22
CA ILE B 234 -27.42 47.03 -24.65
C ILE B 234 -26.83 45.97 -25.61
N LEU B 235 -27.68 45.04 -26.05
CA LEU B 235 -27.28 43.93 -26.93
C LEU B 235 -26.64 44.35 -28.26
N SER B 236 -27.31 45.23 -29.00
CA SER B 236 -26.89 45.58 -30.37
C SER B 236 -25.67 46.50 -30.44
N LYS B 237 -25.21 47.01 -29.29
CA LYS B 237 -23.98 47.81 -29.19
C LYS B 237 -22.78 47.01 -28.66
N TYR B 238 -23.04 45.80 -28.18
CA TYR B 238 -21.99 44.82 -27.85
C TYR B 238 -21.89 43.74 -28.95
N ILE B 239 -23.03 43.40 -29.54
CA ILE B 239 -23.16 42.32 -30.54
C ILE B 239 -23.87 42.83 -31.83
N HIS B 240 -23.47 42.30 -32.99
CA HIS B 240 -24.06 42.64 -34.29
C HIS B 240 -25.27 41.75 -34.66
N LEU B 241 -26.49 42.27 -34.45
CA LEU B 241 -27.72 41.56 -34.86
C LEU B 241 -27.88 41.55 -36.39
N ASP B 301 -36.05 32.80 -35.32
CA ASP B 301 -36.90 33.20 -34.22
C ASP B 301 -36.08 33.88 -33.08
N PRO B 302 -35.60 35.13 -33.31
CA PRO B 302 -34.85 35.82 -32.25
C PRO B 302 -35.71 36.66 -31.27
N GLN B 303 -37.03 36.61 -31.44
CA GLN B 303 -37.97 37.39 -30.60
C GLN B 303 -38.79 36.55 -29.60
N GLU B 304 -38.20 35.43 -29.16
CA GLU B 304 -38.68 34.68 -27.99
C GLU B 304 -37.81 35.03 -26.78
N ILE B 305 -36.65 35.64 -27.06
CA ILE B 305 -35.59 35.89 -26.06
C ILE B 305 -35.92 37.04 -25.11
N ILE B 306 -36.19 38.22 -25.68
CA ILE B 306 -36.32 39.48 -24.91
C ILE B 306 -37.53 39.46 -23.94
N ASN B 307 -38.62 38.82 -24.38
CA ASN B 307 -39.83 38.61 -23.56
C ASN B 307 -39.62 37.62 -22.39
N ASN B 308 -38.71 36.66 -22.56
CA ASN B 308 -38.31 35.76 -21.49
C ASN B 308 -37.43 36.49 -20.48
N MET B 309 -36.39 37.15 -20.99
CA MET B 309 -35.39 37.88 -20.18
C MET B 309 -35.97 38.88 -19.21
N VAL B 310 -36.96 39.64 -19.67
CA VAL B 310 -37.60 40.71 -18.86
C VAL B 310 -38.26 40.18 -17.57
N ASP B 311 -38.88 39.00 -17.67
CA ASP B 311 -39.40 38.24 -16.51
C ASP B 311 -38.26 37.52 -15.78
N ASN B 312 -37.33 36.93 -16.54
CA ASN B 312 -36.22 36.12 -16.02
C ASN B 312 -35.26 36.90 -15.10
N ILE B 313 -34.79 38.05 -15.58
CA ILE B 313 -33.96 38.94 -14.75
C ILE B 313 -34.87 39.65 -13.75
N GLU B 314 -34.49 39.59 -12.48
CA GLU B 314 -35.33 40.10 -11.40
C GLU B 314 -34.56 41.05 -10.48
N PHE B 315 -33.32 40.68 -10.12
CA PHE B 315 -32.44 41.55 -9.30
C PHE B 315 -30.93 41.35 -9.60
N LEU B 316 -30.06 42.01 -8.81
CA LEU B 316 -28.60 41.87 -8.92
C LEU B 316 -27.85 42.09 -7.58
N SER B 317 -27.09 41.08 -7.17
CA SER B 317 -26.23 41.18 -5.99
C SER B 317 -24.76 40.84 -6.31
N ILE B 318 -23.89 41.79 -5.99
CA ILE B 318 -22.44 41.65 -6.10
C ILE B 318 -21.84 41.96 -4.72
N PRO B 319 -21.15 41.01 -4.08
CA PRO B 319 -21.01 39.62 -4.53
C PRO B 319 -22.33 38.84 -4.60
N HIS B 320 -22.36 37.78 -5.41
CA HIS B 320 -23.50 36.85 -5.50
C HIS B 320 -23.91 36.37 -4.10
N VAL B 321 -25.21 36.13 -3.92
CA VAL B 321 -25.80 35.84 -2.61
C VAL B 321 -25.17 34.63 -1.88
N TYR B 322 -25.15 33.48 -2.56
CA TYR B 322 -24.73 32.20 -1.95
C TYR B 322 -23.20 32.01 -1.82
N THR B 323 -22.44 32.94 -2.42
CA THR B 323 -20.97 32.93 -2.50
C THR B 323 -20.25 32.46 -1.22
N THR B 324 -20.67 32.97 -0.07
CA THR B 324 -20.04 32.63 1.22
C THR B 324 -20.68 31.43 1.96
N HIS B 325 -21.72 30.83 1.34
CA HIS B 325 -22.48 29.75 1.96
C HIS B 325 -22.35 28.41 1.22
N ARG B 326 -22.53 28.45 -0.10
CA ARG B 326 -22.36 27.26 -0.97
C ARG B 326 -20.91 26.76 -0.97
N TYR B 327 -20.74 25.46 -0.70
CA TYR B 327 -19.42 24.83 -0.71
C TYR B 327 -18.90 24.82 -2.14
N SER B 328 -19.80 24.51 -3.08
CA SER B 328 -19.44 24.38 -4.50
C SER B 328 -18.69 25.60 -5.07
N ILE B 329 -18.86 26.77 -4.43
CA ILE B 329 -18.27 28.02 -4.89
C ILE B 329 -16.90 28.28 -4.23
N LEU B 330 -16.82 28.25 -2.90
CA LEU B 330 -15.50 28.32 -2.21
C LEU B 330 -14.48 27.31 -2.77
N LEU B 331 -14.97 26.12 -3.13
CA LEU B 331 -14.19 25.08 -3.82
C LEU B 331 -13.58 25.55 -5.14
N CYS B 332 -14.43 26.13 -6.00
CA CYS B 332 -14.00 26.74 -7.25
C CYS B 332 -13.15 28.00 -7.06
N LEU B 333 -13.51 28.83 -6.10
CA LEU B 333 -12.79 30.07 -5.83
C LEU B 333 -11.42 29.80 -5.24
N ASN B 334 -11.27 28.67 -4.58
CA ASN B 334 -9.98 28.27 -3.99
C ASN B 334 -8.92 27.96 -5.06
N ASP B 335 -9.38 27.46 -6.20
CA ASP B 335 -8.52 27.17 -7.34
C ASP B 335 -7.96 28.45 -7.99
N MET B 336 -8.84 29.43 -8.22
CA MET B 336 -8.51 30.63 -8.97
C MET B 336 -7.88 31.71 -8.10
N ILE B 337 -8.57 32.11 -7.03
CA ILE B 337 -8.14 33.29 -6.23
C ILE B 337 -8.02 33.07 -4.70
N PRO B 338 -7.14 32.12 -4.27
CA PRO B 338 -7.03 31.76 -2.84
C PRO B 338 -6.85 32.94 -1.89
N GLU B 339 -5.98 33.87 -2.24
CA GLU B 339 -5.59 34.96 -1.32
C GLU B 339 -6.47 36.21 -1.45
N TYR B 340 -7.51 36.15 -2.26
CA TYR B 340 -8.41 37.28 -2.50
C TYR B 340 -9.29 37.58 -1.29
N LYS B 341 -9.35 38.85 -0.91
CA LYS B 341 -10.16 39.26 0.23
C LYS B 341 -11.09 40.42 -0.13
N HIS B 342 -12.39 40.17 -0.14
CA HIS B 342 -13.37 41.23 -0.29
C HIS B 342 -13.57 41.94 1.05
N ASN B 343 -14.03 43.19 0.97
CA ASN B 343 -14.33 44.04 2.13
C ASN B 343 -15.47 43.41 2.95
N VAL B 344 -16.48 42.90 2.24
CA VAL B 344 -17.62 42.14 2.78
C VAL B 344 -17.20 40.92 3.61
N LEU B 345 -16.48 39.99 2.99
CA LEU B 345 -16.10 38.71 3.60
C LEU B 345 -15.10 38.92 4.73
N ASN B 346 -15.31 38.22 5.83
CA ASN B 346 -14.51 38.39 7.05
C ASN B 346 -13.09 37.80 6.97
N ASN B 347 -12.76 37.17 5.83
CA ASN B 347 -11.47 36.53 5.60
C ASN B 347 -11.16 36.31 4.11
N THR B 348 -9.93 35.85 3.84
CA THR B 348 -9.49 35.41 2.51
C THR B 348 -10.21 34.11 2.08
N ILE B 349 -10.42 33.96 0.77
CA ILE B 349 -11.01 32.75 0.15
C ILE B 349 -10.45 31.40 0.66
N ARG B 350 -9.12 31.29 0.69
CA ARG B 350 -8.41 30.17 1.32
C ARG B 350 -8.87 29.92 2.77
N CYS B 351 -8.93 30.98 3.58
CA CYS B 351 -9.30 30.83 4.99
C CYS B 351 -10.77 30.40 5.22
N LEU B 352 -11.69 30.97 4.43
CA LEU B 352 -13.10 30.55 4.41
C LEU B 352 -13.25 29.09 3.99
N TYR B 353 -12.59 28.72 2.89
CA TYR B 353 -12.64 27.35 2.35
C TYR B 353 -12.15 26.31 3.38
N ASN B 354 -10.94 26.52 3.90
CA ASN B 354 -10.34 25.67 4.93
C ASN B 354 -11.13 25.58 6.24
N LYS B 355 -11.87 26.64 6.59
CA LYS B 355 -12.76 26.61 7.76
C LYS B 355 -14.01 25.76 7.50
N TYR B 356 -14.59 25.93 6.30
CA TYR B 356 -15.69 25.08 5.84
C TYR B 356 -15.32 23.59 5.87
N VAL B 357 -14.11 23.26 5.43
CA VAL B 357 -13.61 21.86 5.50
C VAL B 357 -13.36 21.40 6.96
N SER B 358 -12.70 22.26 7.75
CA SER B 358 -12.38 21.96 9.15
C SER B 358 -13.64 21.78 10.02
N ARG B 359 -14.69 22.58 9.75
CA ARG B 359 -15.92 22.57 10.56
C ARG B 359 -16.90 21.44 10.22
N MET B 360 -17.09 21.14 8.94
CA MET B 360 -17.79 19.93 8.48
C MET B 360 -17.23 18.63 9.07
N LYS B 361 -15.93 18.66 9.40
CA LYS B 361 -15.23 17.55 10.04
C LYS B 361 -15.42 17.53 11.56
N GLU B 362 -15.17 18.67 12.22
CA GLU B 362 -15.27 18.80 13.69
C GLU B 362 -16.70 18.67 14.23
N GLN B 363 -17.64 19.36 13.59
CA GLN B 363 -19.04 19.43 14.03
C GLN B 363 -19.89 18.27 13.51
N TYR B 364 -20.03 18.17 12.18
CA TYR B 364 -20.92 17.19 11.53
C TYR B 364 -20.32 15.79 11.28
N ASN B 365 -19.01 15.68 11.47
CA ASN B 365 -18.22 14.47 11.18
C ASN B 365 -18.33 13.96 9.71
N ILE B 366 -18.33 14.91 8.77
CA ILE B 366 -18.33 14.65 7.32
C ILE B 366 -17.00 15.11 6.70
N ASN B 367 -16.38 14.20 5.93
CA ASN B 367 -15.32 14.57 4.98
C ASN B 367 -16.03 15.10 3.72
N ILE B 368 -16.14 16.42 3.65
CA ILE B 368 -16.96 17.14 2.64
C ILE B 368 -16.46 17.00 1.19
N LYS B 369 -15.18 16.66 1.04
CA LYS B 369 -14.57 16.43 -0.28
C LYS B 369 -15.15 15.23 -1.03
N GLU B 370 -15.52 14.17 -0.29
CA GLU B 370 -15.84 12.85 -0.87
C GLU B 370 -17.01 12.82 -1.88
N ASN B 371 -17.97 13.72 -1.73
CA ASN B 371 -19.09 13.78 -2.68
C ASN B 371 -18.97 14.97 -3.66
N ASN B 372 -17.96 15.82 -3.41
CA ASN B 372 -17.64 16.97 -4.27
C ASN B 372 -16.32 16.75 -5.00
N LYS B 373 -16.42 16.12 -6.17
CA LYS B 373 -15.26 15.55 -6.86
C LYS B 373 -14.65 16.47 -7.92
N ARG B 374 -13.31 16.61 -7.85
CA ARG B 374 -12.52 17.31 -8.88
C ARG B 374 -12.47 16.49 -10.15
N ILE B 375 -12.77 17.16 -11.27
CA ILE B 375 -12.75 16.55 -12.60
C ILE B 375 -11.60 17.13 -13.45
N TYR B 376 -10.96 16.25 -14.22
CA TYR B 376 -10.10 16.65 -15.35
C TYR B 376 -10.70 16.06 -16.62
N VAL B 377 -10.36 16.59 -17.80
CA VAL B 377 -10.94 16.11 -19.07
C VAL B 377 -9.86 15.74 -20.07
N LEU B 378 -9.93 14.55 -20.63
CA LEU B 378 -8.96 14.10 -21.61
C LEU B 378 -9.37 14.41 -23.05
N LYS B 379 -10.65 14.24 -23.34
CA LYS B 379 -11.21 14.54 -24.66
C LYS B 379 -12.49 15.36 -24.51
N ASP B 380 -13.61 14.69 -24.31
CA ASP B 380 -14.93 15.33 -24.24
C ASP B 380 -15.78 14.84 -23.06
N ARG B 381 -15.30 13.81 -22.37
CA ARG B 381 -16.04 13.19 -21.25
C ARG B 381 -15.46 13.58 -19.89
N ILE B 382 -16.12 13.17 -18.82
CA ILE B 382 -15.69 13.47 -17.47
C ILE B 382 -14.71 12.40 -16.96
N SER B 383 -13.67 12.85 -16.26
CA SER B 383 -12.73 11.95 -15.58
C SER B 383 -12.59 12.45 -14.15
N TYR B 384 -12.88 11.57 -13.19
CA TYR B 384 -12.80 11.94 -11.79
C TYR B 384 -11.35 11.86 -11.34
N LEU B 385 -10.80 12.99 -10.88
CA LEU B 385 -9.42 13.02 -10.39
C LEU B 385 -9.17 11.96 -9.33
N LYS B 386 -8.13 11.18 -9.59
CA LYS B 386 -7.56 10.12 -8.72
C LYS B 386 -8.36 8.82 -8.68
N GLU B 387 -9.38 8.70 -9.51
CA GLU B 387 -10.26 7.52 -9.49
C GLU B 387 -9.85 6.34 -10.37
N LYS B 388 -8.93 6.57 -11.30
CA LYS B 388 -8.48 5.54 -12.26
C LYS B 388 -7.06 5.85 -12.76
N THR B 389 -6.23 4.81 -12.87
CA THR B 389 -4.93 4.90 -13.50
C THR B 389 -5.06 4.45 -14.96
N ASN B 390 -5.09 5.41 -15.88
CA ASN B 390 -5.22 5.08 -17.30
C ASN B 390 -3.88 4.67 -17.93
N ILE B 391 -3.92 3.62 -18.73
CA ILE B 391 -2.79 3.26 -19.57
C ILE B 391 -2.79 4.13 -20.83
N VAL B 392 -1.62 4.70 -21.12
CA VAL B 392 -1.36 5.46 -22.33
C VAL B 392 -0.34 4.62 -23.10
N GLY B 393 -0.78 4.08 -24.26
CA GLY B 393 0.06 3.20 -25.09
C GLY B 393 1.02 4.02 -25.95
N ILE B 394 2.28 3.61 -25.97
CA ILE B 394 3.30 4.36 -26.70
C ILE B 394 3.34 3.85 -28.13
N LEU B 395 3.19 4.77 -29.08
CA LEU B 395 3.46 4.47 -30.50
C LEU B 395 4.51 5.42 -31.02
N ASN B 396 5.74 4.94 -30.98
CA ASN B 396 6.88 5.69 -31.44
C ASN B 396 7.23 5.18 -32.84
N VAL B 397 6.89 5.98 -33.86
CA VAL B 397 7.06 5.61 -35.29
C VAL B 397 8.53 5.41 -35.74
N ASN B 398 9.48 6.06 -35.06
CA ASN B 398 10.91 5.98 -35.37
C ASN B 398 11.70 4.79 -34.77
N TYR B 399 11.02 3.77 -34.22
CA TYR B 399 11.70 2.61 -33.55
C TYR B 399 12.68 1.82 -34.45
N GLY B 406 14.15 -1.65 -40.79
CA GLY B 406 15.37 -0.88 -40.52
C GLY B 406 15.32 0.55 -41.04
N ILE B 407 15.25 0.68 -42.37
CA ILE B 407 15.34 1.99 -43.04
C ILE B 407 13.96 2.56 -43.49
N PHE B 408 12.97 1.68 -43.64
CA PHE B 408 11.63 2.10 -44.08
C PHE B 408 10.57 2.10 -42.98
N VAL B 409 9.80 3.19 -42.94
CA VAL B 409 8.65 3.31 -42.05
C VAL B 409 7.42 2.66 -42.72
N GLU B 410 6.69 1.86 -41.93
CA GLU B 410 5.58 1.05 -42.44
C GLU B 410 4.23 1.57 -41.86
N PRO B 411 3.59 2.56 -42.53
CA PRO B 411 2.38 3.20 -41.97
C PRO B 411 1.21 2.26 -41.66
N LYS B 412 1.19 1.07 -42.27
CA LYS B 412 0.17 0.04 -41.99
C LYS B 412 0.52 -0.83 -40.79
N ARG B 413 1.82 -1.06 -40.57
CA ARG B 413 2.30 -1.83 -39.41
C ARG B 413 2.12 -1.05 -38.10
N ALA B 414 2.04 0.28 -38.20
CA ALA B 414 1.87 1.16 -37.06
C ALA B 414 0.40 1.29 -36.66
N VAL B 415 -0.51 1.30 -37.64
CA VAL B 415 -1.95 1.24 -37.30
C VAL B 415 -2.32 -0.15 -36.74
N GLN B 416 -1.60 -1.18 -37.19
CA GLN B 416 -1.73 -2.53 -36.63
C GLN B 416 -1.54 -2.45 -35.11
N ARG B 417 -0.46 -1.78 -34.70
CA ARG B 417 -0.08 -1.67 -33.29
C ARG B 417 -1.04 -0.80 -32.50
N MET B 418 -1.64 0.19 -33.16
CA MET B 418 -2.66 1.02 -32.51
C MET B 418 -3.87 0.17 -32.11
N PHE B 419 -4.32 -0.69 -33.03
CA PHE B 419 -5.41 -1.60 -32.76
C PHE B 419 -5.07 -2.66 -31.72
N GLU B 420 -3.95 -3.37 -31.94
CA GLU B 420 -3.37 -4.29 -30.97
C GLU B 420 -3.39 -3.68 -29.54
N MET B 421 -3.07 -2.38 -29.43
CA MET B 421 -3.03 -1.67 -28.15
C MET B 421 -4.39 -1.41 -27.54
N ILE B 422 -5.35 -1.01 -28.36
CA ILE B 422 -6.73 -0.80 -27.91
C ILE B 422 -7.26 -2.10 -27.29
N ASN B 423 -7.08 -3.21 -28.03
CA ASN B 423 -7.52 -4.52 -27.57
C ASN B 423 -6.80 -4.95 -26.30
N GLU B 424 -5.54 -4.51 -26.17
CA GLU B 424 -4.70 -4.86 -25.02
C GLU B 424 -5.08 -4.09 -23.75
N GLY B 425 -5.85 -3.02 -23.89
CA GLY B 425 -6.34 -2.23 -22.77
C GLY B 425 -5.95 -0.75 -22.69
N ALA B 426 -5.42 -0.16 -23.76
CA ALA B 426 -5.11 1.27 -23.76
C ALA B 426 -6.34 2.18 -23.87
N SER B 427 -6.53 3.04 -22.88
CA SER B 427 -7.45 4.18 -22.99
C SER B 427 -6.92 5.26 -23.96
N VAL B 428 -5.60 5.45 -23.99
CA VAL B 428 -4.98 6.54 -24.73
C VAL B 428 -3.79 5.97 -25.49
N ILE B 429 -3.57 6.54 -26.69
CA ILE B 429 -2.40 6.23 -27.53
C ILE B 429 -1.59 7.53 -27.71
N ASP B 430 -0.29 7.45 -27.41
CA ASP B 430 0.64 8.57 -27.57
C ASP B 430 1.50 8.27 -28.78
N ILE B 431 1.40 9.11 -29.79
CA ILE B 431 2.20 8.93 -31.03
C ILE B 431 3.25 10.02 -31.20
N GLY B 432 4.49 9.59 -31.48
CA GLY B 432 5.57 10.52 -31.76
C GLY B 432 6.55 10.06 -32.83
N GLY B 433 6.92 10.98 -33.72
CA GLY B 433 7.94 10.75 -34.75
C GLY B 433 9.33 11.17 -34.30
N GLU B 434 9.37 12.29 -33.57
CA GLU B 434 10.55 12.79 -32.87
C GLU B 434 10.82 11.96 -31.61
N SER B 435 12.02 11.39 -31.51
CA SER B 435 12.44 10.71 -30.28
C SER B 435 13.20 11.65 -29.34
N SER B 436 12.95 11.50 -28.05
CA SER B 436 13.66 12.24 -27.00
C SER B 436 14.39 11.33 -26.01
N ALA B 437 14.56 10.06 -26.37
CA ALA B 437 15.36 9.11 -25.58
C ALA B 437 16.84 9.56 -25.53
N PRO B 438 17.63 9.11 -24.51
CA PRO B 438 19.02 9.61 -24.40
C PRO B 438 19.86 9.42 -25.66
N PHE B 439 20.73 10.40 -25.92
CA PHE B 439 21.68 10.40 -27.05
C PHE B 439 21.14 9.97 -28.44
N VAL B 440 19.82 10.05 -28.66
CA VAL B 440 19.21 9.65 -29.95
C VAL B 440 19.54 10.61 -31.08
N ILE B 441 19.85 10.00 -32.22
CA ILE B 441 20.11 10.70 -33.47
C ILE B 441 18.79 10.65 -34.27
N PRO B 442 18.13 11.83 -34.45
CA PRO B 442 16.89 11.88 -35.24
C PRO B 442 17.12 11.62 -36.73
N ASN B 443 16.25 10.78 -37.32
CA ASN B 443 16.31 10.39 -38.74
C ASN B 443 16.61 11.59 -39.65
N PRO B 444 17.84 11.64 -40.23
CA PRO B 444 18.32 12.84 -40.96
C PRO B 444 17.48 13.25 -42.18
N LYS B 445 16.91 12.27 -42.88
CA LYS B 445 16.21 12.51 -44.15
C LYS B 445 14.68 12.67 -44.03
N ILE B 446 13.99 11.69 -43.43
CA ILE B 446 12.53 11.78 -43.23
C ILE B 446 12.10 12.64 -42.00
N SER B 447 11.09 13.50 -42.23
CA SER B 447 10.62 14.47 -41.25
C SER B 447 9.56 13.95 -40.29
N GLU B 448 9.34 14.71 -39.21
CA GLU B 448 8.36 14.40 -38.17
C GLU B 448 6.94 14.24 -38.71
N ARG B 449 6.45 15.20 -39.50
CA ARG B 449 5.08 15.09 -40.00
C ARG B 449 4.85 13.98 -41.03
N ASP B 450 5.91 13.58 -41.76
CA ASP B 450 5.80 12.47 -42.69
C ASP B 450 5.87 11.14 -41.95
N LEU B 451 6.51 11.14 -40.78
CA LEU B 451 6.47 9.99 -39.88
C LEU B 451 5.10 9.87 -39.21
N VAL B 452 4.48 10.99 -38.88
CA VAL B 452 3.33 11.01 -37.97
C VAL B 452 1.95 11.13 -38.65
N VAL B 453 1.76 12.20 -39.44
CA VAL B 453 0.44 12.57 -40.02
C VAL B 453 -0.18 11.49 -40.94
N PRO B 454 0.61 10.78 -41.77
CA PRO B 454 -0.06 9.74 -42.53
C PRO B 454 -0.44 8.50 -41.70
N VAL B 455 0.40 8.14 -40.74
CA VAL B 455 0.08 7.07 -39.77
C VAL B 455 -1.22 7.39 -39.02
N LEU B 456 -1.43 8.66 -38.70
CA LEU B 456 -2.69 9.10 -38.11
C LEU B 456 -3.85 9.07 -39.08
N GLN B 457 -3.57 9.42 -40.36
CA GLN B 457 -4.60 9.52 -41.41
C GLN B 457 -5.18 8.15 -41.72
N LEU B 458 -4.30 7.18 -41.86
CA LEU B 458 -4.68 5.78 -42.01
C LEU B 458 -5.60 5.35 -40.86
N PHE B 459 -5.23 5.70 -39.62
CA PHE B 459 -6.01 5.34 -38.42
C PHE B 459 -7.43 5.88 -38.45
N GLN B 460 -7.56 7.17 -38.70
CA GLN B 460 -8.84 7.87 -38.73
C GLN B 460 -9.83 7.18 -39.67
N LYS B 461 -9.34 6.75 -40.84
CA LYS B 461 -10.17 6.03 -41.80
C LYS B 461 -10.58 4.63 -41.32
N GLU B 462 -9.60 3.76 -41.06
CA GLU B 462 -9.87 2.38 -40.67
C GLU B 462 -10.77 2.24 -39.42
N TRP B 463 -10.75 3.24 -38.55
CA TRP B 463 -11.69 3.31 -37.40
C TRP B 463 -13.13 3.55 -37.87
N ASN B 464 -13.30 4.49 -38.79
CA ASN B 464 -14.61 4.77 -39.40
C ASN B 464 -15.09 3.63 -40.30
N ASP B 465 -14.14 2.85 -40.83
CA ASP B 465 -14.42 1.58 -41.53
C ASP B 465 -14.97 0.51 -40.58
N ALA B 475 -16.17 3.81 -27.23
CA ALA B 475 -14.97 2.97 -27.30
C ALA B 475 -13.84 3.53 -28.18
N LYS B 476 -13.99 4.77 -28.66
CA LYS B 476 -12.95 5.42 -29.46
C LYS B 476 -11.83 5.93 -28.55
N PRO B 477 -10.60 5.38 -28.72
CA PRO B 477 -9.44 5.79 -27.92
C PRO B 477 -9.06 7.24 -28.13
N ILE B 478 -8.62 7.87 -27.06
CA ILE B 478 -8.05 9.21 -27.11
C ILE B 478 -6.65 9.14 -27.75
N ILE B 479 -6.36 10.12 -28.59
CA ILE B 479 -5.08 10.21 -29.29
C ILE B 479 -4.25 11.39 -28.79
N SER B 480 -3.05 11.05 -28.34
CA SER B 480 -2.09 12.00 -27.84
C SER B 480 -0.96 12.09 -28.85
N ILE B 481 -0.60 13.31 -29.24
CA ILE B 481 0.57 13.55 -30.15
C ILE B 481 1.76 14.10 -29.33
N ASP B 482 2.85 13.35 -29.35
CA ASP B 482 4.06 13.70 -28.63
C ASP B 482 4.93 14.56 -29.56
N THR B 483 4.67 15.86 -29.55
CA THR B 483 5.34 16.84 -30.42
C THR B 483 5.60 18.17 -29.68
N ILE B 484 6.61 18.91 -30.09
CA ILE B 484 6.80 20.32 -29.65
C ILE B 484 6.63 21.29 -30.82
N ASN B 485 6.19 20.73 -31.95
CA ASN B 485 6.24 21.39 -33.23
C ASN B 485 4.87 21.90 -33.62
N TYR B 486 4.76 23.23 -33.72
CA TYR B 486 3.53 23.96 -34.07
C TYR B 486 2.84 23.48 -35.34
N ASN B 487 3.60 23.29 -36.44
CA ASN B 487 3.00 22.98 -37.73
C ASN B 487 2.38 21.59 -37.71
N VAL B 488 3.11 20.64 -37.11
CA VAL B 488 2.64 19.27 -36.90
C VAL B 488 1.31 19.19 -36.13
N PHE B 489 1.18 20.01 -35.09
CA PHE B 489 0.00 20.00 -34.27
C PHE B 489 -1.16 20.69 -34.98
N LYS B 490 -0.88 21.86 -35.57
CA LYS B 490 -1.85 22.59 -36.43
C LYS B 490 -2.48 21.66 -37.47
N GLU B 491 -1.63 20.85 -38.12
CA GLU B 491 -2.07 19.94 -39.16
C GLU B 491 -2.88 18.78 -38.60
N CYS B 492 -2.59 18.38 -37.36
CA CYS B 492 -3.31 17.27 -36.73
C CYS B 492 -4.67 17.75 -36.22
N VAL B 493 -4.68 18.92 -35.58
CA VAL B 493 -5.88 19.55 -35.06
C VAL B 493 -6.88 19.87 -36.16
N ASP B 494 -6.40 20.49 -37.25
CA ASP B 494 -7.23 20.82 -38.42
C ASP B 494 -7.93 19.60 -39.01
N ASN B 495 -7.18 18.51 -39.24
CA ASN B 495 -7.71 17.28 -39.84
C ASN B 495 -8.36 16.28 -38.88
N ASP B 496 -8.79 16.78 -37.71
CA ASP B 496 -9.34 15.96 -36.59
C ASP B 496 -8.63 14.63 -36.27
N LEU B 497 -7.30 14.68 -36.18
CA LEU B 497 -6.49 13.47 -35.95
C LEU B 497 -6.07 13.23 -34.49
N VAL B 498 -6.18 14.25 -33.64
CA VAL B 498 -5.68 14.21 -32.25
C VAL B 498 -6.58 14.93 -31.25
N ASP B 499 -6.48 14.53 -29.97
CA ASP B 499 -7.24 15.14 -28.87
C ASP B 499 -6.34 15.83 -27.85
N ILE B 500 -5.12 15.32 -27.68
CA ILE B 500 -4.17 15.80 -26.66
C ILE B 500 -2.82 16.20 -27.24
N LEU B 501 -2.32 17.36 -26.80
CA LEU B 501 -0.92 17.73 -27.01
C LEU B 501 -0.02 17.22 -25.88
N ASN B 502 0.87 16.27 -26.17
CA ASN B 502 1.94 15.91 -25.23
C ASN B 502 3.20 16.73 -25.53
N ASP B 503 3.41 17.79 -24.75
CA ASP B 503 4.53 18.71 -24.96
C ASP B 503 5.64 18.51 -23.93
N ILE B 504 6.72 17.84 -24.32
CA ILE B 504 7.77 17.49 -23.36
C ILE B 504 8.60 18.70 -22.94
N SER B 505 8.29 19.86 -23.50
CA SER B 505 8.95 21.07 -23.10
C SER B 505 7.99 22.01 -22.35
N ALA B 506 6.85 21.46 -21.92
CA ALA B 506 5.82 22.22 -21.18
C ALA B 506 5.52 23.52 -21.93
N CYS B 507 5.42 23.40 -23.25
CA CYS B 507 5.16 24.49 -24.19
C CYS B 507 6.18 25.66 -24.08
N THR B 508 7.45 25.38 -23.86
CA THR B 508 8.44 26.45 -23.82
C THR B 508 9.26 26.52 -25.08
N ASN B 509 9.20 25.46 -25.90
CA ASN B 509 9.90 25.44 -27.19
C ASN B 509 9.29 26.47 -28.13
N ASN B 510 7.95 26.54 -28.09
CA ASN B 510 7.16 27.44 -28.92
C ASN B 510 5.83 27.72 -28.19
N PRO B 511 5.84 28.63 -27.18
CA PRO B 511 4.63 28.96 -26.41
C PRO B 511 3.40 29.23 -27.26
N GLU B 512 3.60 29.65 -28.53
CA GLU B 512 2.50 29.86 -29.48
C GLU B 512 1.62 28.63 -29.64
N ILE B 513 2.21 27.44 -29.51
CA ILE B 513 1.44 26.17 -29.63
C ILE B 513 0.17 26.13 -28.75
N ILE B 514 0.18 26.90 -27.66
CA ILE B 514 -0.96 27.07 -26.75
C ILE B 514 -2.22 27.56 -27.48
N LYS B 515 -2.02 28.43 -28.47
CA LYS B 515 -3.07 28.96 -29.32
C LYS B 515 -3.84 27.87 -30.07
N LEU B 516 -3.17 26.77 -30.39
CA LEU B 516 -3.82 25.66 -31.09
C LEU B 516 -4.68 24.75 -30.20
N LEU B 517 -4.69 25.04 -28.89
CA LEU B 517 -5.52 24.28 -27.94
C LEU B 517 -6.96 24.82 -27.82
N LYS B 518 -7.28 25.84 -28.63
CA LYS B 518 -8.59 26.50 -28.70
C LYS B 518 -9.03 26.66 -30.15
N LYS B 519 -9.81 25.72 -30.66
CA LYS B 519 -10.65 25.96 -31.83
C LYS B 519 -11.94 26.43 -31.21
N LYS B 520 -12.12 27.76 -31.13
CA LYS B 520 -12.99 28.38 -30.10
C LYS B 520 -14.29 27.66 -29.65
N ASN B 521 -14.95 26.96 -30.57
CA ASN B 521 -15.96 25.94 -30.26
C ASN B 521 -15.39 24.83 -29.32
N LYS B 522 -14.45 24.03 -29.87
CA LYS B 522 -13.80 22.88 -29.23
C LYS B 522 -12.49 23.24 -28.50
N PHE B 523 -12.22 22.55 -27.38
CA PHE B 523 -10.92 22.64 -26.70
C PHE B 523 -10.11 21.35 -26.86
N TYR B 524 -8.80 21.44 -26.58
CA TYR B 524 -7.92 20.28 -26.53
C TYR B 524 -7.13 20.34 -25.25
N SER B 525 -6.83 19.15 -24.71
CA SER B 525 -6.05 19.02 -23.49
C SER B 525 -4.55 18.91 -23.78
N VAL B 526 -3.74 19.03 -22.73
CA VAL B 526 -2.29 19.15 -22.87
C VAL B 526 -1.54 18.50 -21.69
N VAL B 527 -0.48 17.75 -22.00
CA VAL B 527 0.49 17.29 -21.01
C VAL B 527 1.63 18.28 -20.97
N LEU B 528 1.95 18.77 -19.78
CA LEU B 528 3.08 19.65 -19.58
C LEU B 528 4.13 18.86 -18.81
N MET B 529 5.30 18.71 -19.41
CA MET B 529 6.37 17.92 -18.81
C MET B 529 7.62 18.75 -18.46
N HIS B 530 8.27 18.43 -17.32
CA HIS B 530 9.54 19.05 -16.96
C HIS B 530 10.76 18.31 -17.50
N LYS B 531 11.64 19.06 -18.16
CA LYS B 531 12.95 18.58 -18.55
C LYS B 531 13.93 19.76 -18.58
N ARG B 532 15.22 19.47 -18.69
CA ARG B 532 16.21 20.49 -19.03
C ARG B 532 17.04 19.93 -20.17
N GLY B 533 17.37 20.77 -21.14
CA GLY B 533 18.25 20.40 -22.23
C GLY B 533 17.55 19.52 -23.23
N ASN B 534 18.35 18.77 -23.97
CA ASN B 534 17.89 17.92 -25.07
C ASN B 534 18.48 16.54 -24.85
N PRO B 535 18.22 15.59 -25.78
CA PRO B 535 18.66 14.20 -25.52
C PRO B 535 20.19 13.96 -25.33
N HIS B 536 21.03 14.87 -25.86
CA HIS B 536 22.52 14.82 -25.69
C HIS B 536 23.07 15.58 -24.46
N THR B 537 22.34 16.59 -23.97
CA THR B 537 22.80 17.36 -22.83
C THR B 537 22.14 17.10 -21.49
N MET B 538 20.95 16.48 -21.49
CA MET B 538 20.13 16.33 -20.27
C MET B 538 20.79 15.59 -19.12
N ASP B 539 21.55 14.54 -19.43
CA ASP B 539 22.17 13.69 -18.41
C ASP B 539 23.12 14.48 -17.50
N LYS B 540 23.55 15.64 -17.97
CA LYS B 540 24.48 16.49 -17.23
C LYS B 540 23.80 17.56 -16.40
N LEU B 541 22.53 17.84 -16.69
CA LEU B 541 21.84 19.03 -16.22
C LEU B 541 21.06 18.79 -14.94
N THR B 542 21.80 18.34 -13.96
CA THR B 542 21.28 17.52 -12.89
C THR B 542 21.24 18.14 -11.47
N ASN B 543 21.75 19.37 -11.27
CA ASN B 543 21.70 20.03 -9.95
C ASN B 543 20.43 20.82 -9.71
N TYR B 544 19.70 20.46 -8.67
CA TYR B 544 18.50 21.19 -8.30
C TYR B 544 18.70 21.76 -6.94
N ASP B 545 18.09 22.90 -6.71
CA ASP B 545 18.11 23.50 -5.39
C ASP B 545 17.22 22.68 -4.45
N ASN B 546 16.05 22.31 -4.93
CA ASN B 546 15.17 21.41 -4.25
C ASN B 546 14.43 20.63 -5.34
N LEU B 547 15.00 19.49 -5.71
CA LEU B 547 14.43 18.60 -6.72
C LEU B 547 12.88 18.59 -6.84
N VAL B 548 12.23 18.13 -5.79
CA VAL B 548 10.79 17.87 -5.79
C VAL B 548 9.99 19.13 -6.04
N TYR B 549 10.35 20.16 -5.30
CA TYR B 549 9.57 21.40 -5.28
C TYR B 549 9.88 22.34 -6.44
N ASP B 550 11.15 22.38 -6.89
CA ASP B 550 11.49 23.13 -8.09
C ASP B 550 10.68 22.66 -9.31
N ILE B 551 10.60 21.34 -9.50
CA ILE B 551 9.82 20.75 -10.56
C ILE B 551 8.31 21.05 -10.42
N LYS B 552 7.78 20.96 -9.18
CA LYS B 552 6.37 21.24 -8.92
C LYS B 552 6.11 22.70 -9.23
N ASN B 553 6.97 23.59 -8.69
CA ASN B 553 6.84 25.02 -8.93
C ASN B 553 6.91 25.36 -10.41
N TYR B 554 7.82 24.69 -11.11
CA TYR B 554 7.98 24.91 -12.54
C TYR B 554 6.70 24.58 -13.32
N LEU B 555 6.13 23.41 -13.04
CA LEU B 555 4.91 22.96 -13.68
C LEU B 555 3.72 23.82 -13.25
N GLU B 556 3.63 24.18 -11.97
CA GLU B 556 2.57 25.09 -11.53
C GLU B 556 2.60 26.43 -12.29
N GLN B 557 3.80 27.02 -12.40
CA GLN B 557 3.99 28.28 -13.16
C GLN B 557 3.55 28.10 -14.61
N ARG B 558 3.87 26.96 -15.16
CA ARG B 558 3.44 26.65 -16.49
C ARG B 558 1.92 26.58 -16.61
N LEU B 559 1.27 25.83 -15.70
CA LEU B 559 -0.21 25.79 -15.64
C LEU B 559 -0.78 27.20 -15.59
N ASN B 560 -0.25 28.03 -14.67
CA ASN B 560 -0.66 29.45 -14.55
C ASN B 560 -0.59 30.23 -15.84
N PHE B 561 0.43 29.96 -16.66
CA PHE B 561 0.57 30.64 -17.93
C PHE B 561 -0.58 30.24 -18.85
N LEU B 562 -0.77 28.95 -19.11
CA LEU B 562 -1.85 28.47 -19.99
C LEU B 562 -3.22 28.94 -19.53
N VAL B 563 -3.38 29.05 -18.21
CA VAL B 563 -4.65 29.42 -17.63
C VAL B 563 -4.91 30.92 -17.86
N LEU B 564 -3.92 31.75 -17.55
CA LEU B 564 -3.96 33.18 -17.84
C LEU B 564 -4.27 33.50 -19.31
N ASN B 565 -4.15 32.48 -20.16
CA ASN B 565 -4.40 32.60 -21.58
C ASN B 565 -5.62 31.78 -22.04
N GLY B 566 -6.46 31.43 -21.06
CA GLY B 566 -7.74 30.80 -21.31
C GLY B 566 -7.70 29.34 -21.73
N ILE B 567 -6.64 28.64 -21.37
CA ILE B 567 -6.67 27.17 -21.41
C ILE B 567 -7.35 26.75 -20.11
N PRO B 568 -8.42 25.92 -20.21
CA PRO B 568 -9.20 25.48 -19.07
C PRO B 568 -8.35 24.59 -18.17
N ARG B 569 -8.28 24.97 -16.89
CA ARG B 569 -7.43 24.34 -15.88
C ARG B 569 -7.58 22.81 -15.88
N TYR B 570 -8.81 22.32 -15.95
CA TYR B 570 -9.15 20.89 -15.89
C TYR B 570 -8.68 20.09 -17.09
N ARG B 571 -7.95 20.72 -18.00
CA ARG B 571 -7.47 20.06 -19.23
C ARG B 571 -5.94 20.02 -19.27
N ILE B 572 -5.32 20.48 -18.19
CA ILE B 572 -3.86 20.57 -18.08
C ILE B 572 -3.37 19.46 -17.15
N LEU B 573 -2.52 18.60 -17.72
CA LEU B 573 -1.92 17.48 -17.02
C LEU B 573 -0.46 17.74 -16.73
N PHE B 574 -0.01 17.30 -15.56
CA PHE B 574 1.36 17.48 -15.05
C PHE B 574 2.19 16.21 -15.31
N ASP B 575 3.41 16.39 -15.83
CA ASP B 575 4.40 15.31 -15.94
C ASP B 575 5.74 15.78 -15.42
N ILE B 576 6.29 15.01 -14.50
CA ILE B 576 7.58 15.30 -13.87
C ILE B 576 8.81 14.92 -14.71
N GLY B 577 8.58 14.26 -15.83
CA GLY B 577 9.62 13.93 -16.78
C GLY B 577 10.69 13.06 -16.19
N LEU B 578 10.32 11.84 -15.81
CA LEU B 578 11.31 10.90 -15.32
C LEU B 578 12.42 10.67 -16.37
N GLY B 579 13.67 10.62 -15.92
CA GLY B 579 14.84 10.45 -16.79
C GLY B 579 15.26 11.64 -17.65
N PHE B 580 14.51 12.74 -17.60
CA PHE B 580 14.82 13.95 -18.33
C PHE B 580 15.56 14.92 -17.40
N ALA B 581 16.90 15.00 -17.54
CA ALA B 581 17.75 15.75 -16.59
C ALA B 581 17.54 15.30 -15.14
N LYS B 582 17.52 14.00 -14.93
CA LYS B 582 17.49 13.45 -13.58
C LYS B 582 18.43 12.30 -13.51
N LYS B 583 19.20 12.24 -12.44
CA LYS B 583 19.95 11.03 -12.11
C LYS B 583 18.97 9.97 -11.65
N HIS B 584 19.40 8.73 -11.73
CA HIS B 584 18.57 7.60 -11.35
C HIS B 584 17.93 7.73 -9.97
N ASP B 585 18.72 8.04 -8.95
CA ASP B 585 18.20 8.35 -7.59
C ASP B 585 17.18 9.50 -7.58
N GLN B 586 17.34 10.46 -8.51
CA GLN B 586 16.43 11.60 -8.61
C GLN B 586 15.08 11.21 -9.23
N SER B 587 15.10 10.33 -10.23
CA SER B 587 13.87 9.71 -10.73
C SER B 587 13.16 8.95 -9.63
N ILE B 588 13.90 8.15 -8.83
CA ILE B 588 13.29 7.48 -7.66
C ILE B 588 12.72 8.48 -6.64
N LYS B 589 13.49 9.53 -6.37
CA LYS B 589 13.07 10.57 -5.40
C LYS B 589 11.82 11.29 -5.86
N LEU B 590 11.71 11.52 -7.17
CA LEU B 590 10.50 12.11 -7.71
C LEU B 590 9.28 11.21 -7.45
N LEU B 591 9.47 9.90 -7.57
CA LEU B 591 8.39 8.91 -7.33
C LEU B 591 8.03 8.80 -5.85
N GLN B 592 9.05 8.66 -5.00
CA GLN B 592 8.88 8.67 -3.54
C GLN B 592 7.99 9.81 -3.09
N ASN B 593 8.10 10.95 -3.79
CA ASN B 593 7.39 12.17 -3.42
C ASN B 593 6.29 12.56 -4.38
N ILE B 594 5.70 11.59 -5.06
CA ILE B 594 4.65 11.85 -6.05
C ILE B 594 3.35 12.41 -5.43
N HIS B 595 3.19 12.21 -4.11
CA HIS B 595 2.03 12.70 -3.32
C HIS B 595 1.85 14.24 -3.43
N VAL B 596 2.96 14.90 -3.67
CA VAL B 596 3.00 16.32 -3.94
C VAL B 596 2.05 16.77 -5.10
N TYR B 597 1.63 15.82 -5.97
CA TYR B 597 0.71 16.07 -7.09
C TYR B 597 -0.73 15.60 -6.81
N ASP B 598 -1.07 15.39 -5.53
CA ASP B 598 -2.41 14.89 -5.14
C ASP B 598 -3.59 15.77 -5.51
N GLU B 599 -3.32 17.06 -5.75
CA GLU B 599 -4.35 18.01 -6.18
C GLU B 599 -4.49 18.05 -7.70
N TYR B 600 -3.57 17.39 -8.41
CA TYR B 600 -3.41 17.66 -9.85
C TYR B 600 -3.57 16.43 -10.71
N PRO B 601 -4.03 16.61 -11.97
CA PRO B 601 -4.03 15.47 -12.91
C PRO B 601 -2.60 15.16 -13.32
N LEU B 602 -2.21 13.90 -13.21
CA LEU B 602 -0.81 13.52 -13.28
C LEU B 602 -0.61 12.40 -14.29
N PHE B 603 0.35 12.65 -15.18
CA PHE B 603 0.69 11.80 -16.32
C PHE B 603 2.17 11.52 -16.10
N ILE B 604 2.56 10.25 -16.10
CA ILE B 604 3.98 9.89 -15.96
C ILE B 604 4.40 8.78 -16.97
N GLY B 605 5.71 8.74 -17.23
CA GLY B 605 6.31 7.85 -18.19
C GLY B 605 7.59 7.34 -17.61
N TYR B 606 7.56 6.10 -17.13
CA TYR B 606 8.72 5.43 -16.54
C TYR B 606 9.20 4.31 -17.44
N SER B 607 8.36 3.98 -18.42
CA SER B 607 8.44 2.70 -19.12
C SER B 607 9.75 2.51 -19.86
N ARG B 608 10.52 1.54 -19.39
CA ARG B 608 11.78 1.11 -20.00
C ARG B 608 12.93 2.04 -19.84
N LYS B 609 12.84 2.98 -18.90
CA LYS B 609 13.90 3.98 -18.73
C LYS B 609 15.03 3.39 -17.91
N ARG B 610 16.21 3.97 -18.10
CA ARG B 610 17.43 3.44 -17.52
C ARG B 610 17.35 3.30 -16.00
N PHE B 611 16.62 4.19 -15.32
CA PHE B 611 16.61 4.20 -13.85
C PHE B 611 16.05 2.92 -13.24
N ILE B 612 15.08 2.29 -13.92
CA ILE B 612 14.50 1.04 -13.49
C ILE B 612 15.59 -0.01 -13.36
N ALA B 613 16.40 -0.16 -14.43
CA ALA B 613 17.52 -1.11 -14.46
C ALA B 613 18.56 -0.89 -13.37
N HIS B 614 18.87 0.37 -13.05
CA HIS B 614 19.87 0.74 -12.01
C HIS B 614 19.44 0.28 -10.62
N CYS B 615 18.13 0.14 -10.43
CA CYS B 615 17.56 -0.32 -9.17
C CYS B 615 17.76 -1.84 -8.91
N MET B 616 18.03 -2.60 -9.96
CA MET B 616 18.20 -4.04 -9.87
C MET B 616 19.65 -4.48 -10.05
N ASP B 657 22.53 -15.63 -24.89
CA ASP B 657 21.95 -16.07 -23.62
C ASP B 657 21.96 -15.00 -22.50
N LYS B 658 22.68 -13.90 -22.74
CA LYS B 658 22.68 -12.73 -21.84
C LYS B 658 22.10 -11.52 -22.60
N ASP B 659 21.94 -10.38 -21.91
CA ASP B 659 21.36 -9.13 -22.46
C ASP B 659 19.85 -9.21 -22.80
N GLN B 660 19.38 -10.43 -23.05
CA GLN B 660 17.95 -10.80 -23.10
C GLN B 660 17.28 -10.58 -21.74
N LEU B 661 18.01 -10.87 -20.66
CA LEU B 661 17.56 -10.70 -19.27
C LEU B 661 17.16 -9.25 -18.99
N LEU B 662 18.07 -8.33 -19.32
CA LEU B 662 17.96 -6.91 -18.94
C LEU B 662 16.75 -6.23 -19.56
N TYR B 663 16.46 -6.56 -20.81
CA TYR B 663 15.23 -6.17 -21.49
C TYR B 663 14.01 -6.61 -20.67
N GLN B 664 13.94 -7.89 -20.34
CA GLN B 664 12.83 -8.51 -19.58
C GLN B 664 12.72 -7.90 -18.17
N LYS B 665 13.81 -7.95 -17.39
CA LYS B 665 13.91 -7.30 -16.08
C LYS B 665 13.35 -5.87 -16.09
N ASN B 666 13.71 -5.10 -17.12
CA ASN B 666 13.26 -3.74 -17.23
C ASN B 666 11.73 -3.64 -17.35
N ILE B 667 11.15 -4.43 -18.25
CA ILE B 667 9.70 -4.47 -18.42
C ILE B 667 9.01 -4.93 -17.12
N CYS B 668 9.55 -6.00 -16.52
CA CYS B 668 8.99 -6.58 -15.31
C CYS B 668 9.10 -5.58 -14.11
N GLY B 669 10.22 -4.87 -14.01
CA GLY B 669 10.39 -3.77 -13.05
C GLY B 669 9.54 -2.53 -13.28
N GLY B 670 9.14 -2.29 -14.52
CA GLY B 670 8.14 -1.25 -14.79
C GLY B 670 6.79 -1.54 -14.18
N LEU B 671 6.45 -2.84 -14.04
CA LEU B 671 5.14 -3.25 -13.52
C LEU B 671 5.01 -2.97 -12.04
N ALA B 672 6.16 -2.94 -11.36
CA ALA B 672 6.25 -2.48 -9.99
C ALA B 672 5.79 -1.01 -9.95
N ILE B 673 6.34 -0.21 -10.87
CA ILE B 673 6.04 1.23 -10.90
C ILE B 673 4.57 1.44 -11.29
N ALA B 674 4.03 0.56 -12.13
CA ALA B 674 2.59 0.52 -12.42
C ALA B 674 1.77 0.31 -11.15
N SER B 675 2.24 -0.61 -10.32
CA SER B 675 1.53 -0.98 -9.11
C SER B 675 1.60 0.17 -8.14
N TYR B 676 2.80 0.74 -8.00
CA TYR B 676 3.04 1.90 -7.13
C TYR B 676 2.17 3.03 -7.60
N SER B 677 2.14 3.25 -8.92
CA SER B 677 1.32 4.28 -9.55
C SER B 677 -0.13 4.04 -9.23
N TYR B 678 -0.55 2.79 -9.32
CA TYR B 678 -1.91 2.41 -8.97
C TYR B 678 -2.28 2.85 -7.54
N TYR B 679 -1.42 2.51 -6.57
CA TYR B 679 -1.70 2.85 -5.16
C TYR B 679 -1.57 4.32 -4.89
N LYS B 680 -0.66 5.00 -5.61
CA LYS B 680 -0.51 6.43 -5.45
C LYS B 680 -1.55 7.23 -6.25
N LYS B 681 -2.41 6.52 -6.97
CA LYS B 681 -3.56 7.10 -7.67
C LYS B 681 -3.21 8.00 -8.86
N VAL B 682 -2.05 7.73 -9.45
CA VAL B 682 -1.54 8.41 -10.63
C VAL B 682 -2.60 8.29 -11.75
N ASP B 683 -2.98 9.39 -12.36
CA ASP B 683 -4.04 9.41 -13.38
C ASP B 683 -3.71 8.76 -14.71
N LEU B 684 -2.50 9.02 -15.26
CA LEU B 684 -2.10 8.42 -16.52
C LEU B 684 -0.68 7.85 -16.47
N ILE B 685 -0.48 6.69 -17.08
CA ILE B 685 0.85 6.10 -17.20
C ILE B 685 1.14 5.77 -18.67
N ARG B 686 2.25 6.30 -19.18
CA ARG B 686 2.64 6.12 -20.54
C ARG B 686 3.58 4.91 -20.65
N VAL B 687 3.11 3.83 -21.26
CA VAL B 687 3.87 2.57 -21.24
C VAL B 687 4.00 1.94 -22.64
N HIS B 688 5.08 1.19 -22.83
CA HIS B 688 5.24 0.37 -24.02
C HIS B 688 4.35 -0.89 -23.93
N ASP B 689 4.53 -1.65 -22.85
CA ASP B 689 3.90 -2.93 -22.67
C ASP B 689 2.49 -2.83 -22.08
N VAL B 690 1.52 -2.52 -22.94
CA VAL B 690 0.10 -2.36 -22.56
C VAL B 690 -0.52 -3.59 -21.88
N LEU B 691 -0.43 -4.75 -22.55
CA LEU B 691 -1.05 -5.99 -22.06
C LEU B 691 -0.60 -6.34 -20.64
N GLU B 692 0.72 -6.36 -20.44
CA GLU B 692 1.32 -6.67 -19.14
C GLU B 692 0.85 -5.69 -18.06
N THR B 693 0.82 -4.39 -18.41
CA THR B 693 0.39 -3.31 -17.51
C THR B 693 -1.10 -3.48 -17.15
N LYS B 694 -1.92 -3.74 -18.17
CA LYS B 694 -3.38 -3.93 -18.02
C LYS B 694 -3.73 -5.08 -17.10
N SER B 695 -2.89 -6.12 -17.11
CA SER B 695 -3.10 -7.29 -16.32
C SER B 695 -2.87 -7.00 -14.86
N VAL B 696 -1.81 -6.22 -14.61
CA VAL B 696 -1.46 -5.82 -13.26
C VAL B 696 -2.56 -4.91 -12.71
N LEU B 697 -2.95 -3.91 -13.49
CA LEU B 697 -3.98 -2.97 -13.03
C LEU B 697 -5.32 -3.68 -12.79
N ASP B 698 -5.68 -4.68 -13.62
CA ASP B 698 -6.95 -5.41 -13.41
C ASP B 698 -7.00 -6.14 -12.06
N VAL B 699 -5.90 -6.81 -11.71
CA VAL B 699 -5.81 -7.60 -10.48
C VAL B 699 -5.84 -6.72 -9.26
N LEU B 700 -5.04 -5.64 -9.26
CA LEU B 700 -5.05 -4.64 -8.18
C LEU B 700 -6.43 -3.99 -7.99
N THR B 701 -7.11 -3.69 -9.10
CA THR B 701 -8.45 -3.11 -9.05
C THR B 701 -9.41 -4.06 -8.31
N LYS B 702 -9.36 -5.35 -8.68
CA LYS B 702 -10.27 -6.36 -8.13
C LYS B 702 -10.01 -6.62 -6.66
N ILE B 703 -8.73 -6.63 -6.26
CA ILE B 703 -8.40 -6.77 -4.86
C ILE B 703 -8.98 -5.63 -4.05
N ASP B 704 -8.93 -4.41 -4.59
CA ASP B 704 -9.57 -3.23 -3.95
C ASP B 704 -11.10 -3.21 -4.01
N GLN B 705 -11.71 -3.98 -4.92
CA GLN B 705 -13.17 -4.10 -5.01
C GLN B 705 -13.75 -4.87 -3.81
N VAL B 706 -13.90 -4.18 -2.68
CA VAL B 706 -14.38 -4.80 -1.45
C VAL B 706 -15.90 -4.71 -1.34
N LYS B 707 -16.53 -5.88 -1.19
CA LYS B 707 -17.98 -6.03 -1.16
C LYS B 707 -18.66 -5.23 -0.03
N ASP B 708 -18.20 -5.45 1.20
CA ASP B 708 -18.68 -4.72 2.38
C ASP B 708 -17.49 -4.11 3.11
N PRO B 709 -17.49 -2.77 3.32
CA PRO B 709 -16.42 -2.05 4.04
C PRO B 709 -16.49 -2.17 5.58
N ASN B 710 -17.58 -2.74 6.10
CA ASN B 710 -17.72 -2.98 7.55
C ASN B 710 -17.31 -4.40 7.94
N SER B 711 -17.37 -5.31 6.96
CA SER B 711 -17.27 -6.75 7.19
C SER B 711 -16.00 -7.22 7.90
N SER B 712 -14.87 -6.55 7.67
CA SER B 712 -13.64 -6.97 8.32
C SER B 712 -13.70 -6.86 9.85
N SER B 713 -14.28 -5.77 10.38
CA SER B 713 -14.52 -5.66 11.84
C SER B 713 -15.76 -6.44 12.33
N VAL B 714 -16.82 -6.44 11.52
CA VAL B 714 -18.01 -7.28 11.79
C VAL B 714 -17.68 -8.80 11.85
N ASP B 715 -16.92 -9.32 10.89
CA ASP B 715 -16.52 -10.74 10.90
C ASP B 715 -15.59 -11.08 12.04
N LYS B 716 -14.70 -10.13 12.36
CA LYS B 716 -13.77 -10.24 13.47
C LYS B 716 -14.52 -10.36 14.80
N LEU B 717 -15.55 -9.53 14.97
CA LEU B 717 -16.41 -9.60 16.17
C LEU B 717 -17.18 -10.91 16.23
N ALA B 718 -17.78 -11.34 15.12
CA ALA B 718 -18.48 -12.62 15.06
C ALA B 718 -17.58 -13.76 15.54
N ALA B 719 -16.32 -13.76 15.07
CA ALA B 719 -15.35 -14.80 15.40
C ALA B 719 -14.98 -14.81 16.90
N ALA B 720 -14.69 -13.64 17.45
CA ALA B 720 -14.44 -13.46 18.89
C ALA B 720 -15.62 -13.86 19.80
N LEU B 721 -16.84 -13.90 19.25
CA LEU B 721 -18.03 -14.26 20.02
C LEU B 721 -18.36 -15.74 19.92
N GLU B 722 -17.70 -16.43 18.99
CA GLU B 722 -17.90 -17.85 18.76
C GLU B 722 -16.76 -18.63 19.40
#